data_1OVG
#
_entry.id   1OVG
#
_cell.length_a   120.800
_cell.length_b   120.800
_cell.length_c   240.150
_cell.angle_alpha   90.00
_cell.angle_beta   90.00
_cell.angle_gamma   120.00
#
_symmetry.space_group_name_H-M   'P 61 2 2'
#
loop_
_entity.id
_entity.type
_entity.pdbx_description
1 polymer 'Purine nucleoside phosphorylase'
2 non-polymer 'PHOSPHATE ION'
3 non-polymer 9-(2-DEOXY-BETA-D-RIBOFURANOSYL)-6-METHYLPURINE
4 water water
#
_entity_poly.entity_id   1
_entity_poly.type   'polypeptide(L)'
_entity_poly.pdbx_seq_one_letter_code
;ATPHINAEMGDFADVVLMPGDPLRAKYIAETFLEDAREVNNVRGMLGFTGTYKGRKISVMGHGVGIPSCSIYTKELITDF
GVKKIIRVGSCGAVLPHVKLRDVVIGMGACTDSKVNRIRFKDHDFAAIADFDMVRNAVDAAKALGIDARVGNLFSADLFY
SPDGEMFDVMEKYGILGVEMEAAGIYGVAAEFGAKALTICTVSDHIRTHEQTTAAERQTTFNDMIKIALESVLLGDKE
;
_entity_poly.pdbx_strand_id   A,B,C
#
# COMPACT_ATOMS: atom_id res chain seq x y z
N ALA A 1 38.90 -3.76 -4.46
CA ALA A 1 38.06 -3.10 -5.50
C ALA A 1 36.62 -3.62 -5.44
N THR A 2 35.69 -2.78 -5.88
CA THR A 2 34.27 -3.15 -5.88
C THR A 2 33.72 -3.08 -7.31
N PRO A 3 32.50 -3.60 -7.51
CA PRO A 3 31.87 -3.59 -8.84
C PRO A 3 31.87 -2.24 -9.56
N HIS A 4 31.81 -1.14 -8.80
CA HIS A 4 31.78 0.17 -9.43
C HIS A 4 32.93 1.09 -9.03
N ILE A 5 33.82 0.59 -8.18
CA ILE A 5 34.96 1.38 -7.73
C ILE A 5 36.25 0.56 -7.80
N ASN A 6 37.10 0.89 -8.78
CA ASN A 6 38.36 0.19 -8.93
C ASN A 6 39.45 0.87 -8.11
N ALA A 7 39.41 0.63 -6.80
CA ALA A 7 40.38 1.20 -5.88
C ALA A 7 40.51 0.25 -4.70
N GLU A 8 41.47 0.51 -3.83
CA GLU A 8 41.66 -0.33 -2.67
C GLU A 8 41.47 0.48 -1.39
N MET A 9 41.31 -0.22 -0.28
CA MET A 9 41.12 0.42 1.01
C MET A 9 42.23 1.42 1.27
N GLY A 10 41.86 2.65 1.60
CA GLY A 10 42.84 3.69 1.85
C GLY A 10 42.89 4.71 0.74
N ASP A 11 42.44 4.34 -0.45
CA ASP A 11 42.44 5.25 -1.60
C ASP A 11 41.45 6.41 -1.41
N PHE A 12 40.45 6.20 -0.55
CA PHE A 12 39.46 7.24 -0.29
C PHE A 12 39.61 7.75 1.14
N ALA A 13 39.34 9.03 1.35
CA ALA A 13 39.41 9.60 2.68
C ALA A 13 38.20 9.07 3.44
N ASP A 14 38.16 9.28 4.74
CA ASP A 14 37.03 8.81 5.55
C ASP A 14 35.83 9.73 5.38
N VAL A 15 36.03 10.79 4.61
CA VAL A 15 34.98 11.78 4.33
C VAL A 15 34.92 11.97 2.81
N VAL A 16 33.75 11.83 2.22
CA VAL A 16 33.62 11.98 0.78
C VAL A 16 32.49 12.92 0.36
N LEU A 17 32.81 13.91 -0.47
CA LEU A 17 31.80 14.83 -0.98
C LEU A 17 31.33 14.27 -2.30
N MET A 18 30.03 14.28 -2.54
CA MET A 18 29.52 13.72 -3.78
C MET A 18 28.51 14.57 -4.53
N PRO A 19 28.90 15.11 -5.68
CA PRO A 19 28.04 15.96 -6.50
C PRO A 19 27.15 15.07 -7.37
N GLY A 20 26.06 15.64 -7.88
CA GLY A 20 25.17 14.88 -8.75
C GLY A 20 25.72 14.89 -10.17
N ASP A 21 26.36 16.00 -10.54
CA ASP A 21 26.96 16.17 -11.86
C ASP A 21 28.37 15.57 -11.78
N PRO A 22 28.64 14.49 -12.54
CA PRO A 22 29.94 13.82 -12.56
C PRO A 22 31.11 14.77 -12.81
N LEU A 23 30.90 15.72 -13.71
CA LEU A 23 31.94 16.69 -14.07
C LEU A 23 32.45 17.51 -12.89
N ARG A 24 31.59 17.69 -11.88
CA ARG A 24 31.96 18.48 -10.72
C ARG A 24 33.03 17.86 -9.82
N ALA A 25 33.22 16.55 -9.94
CA ALA A 25 34.23 15.87 -9.12
C ALA A 25 35.60 16.45 -9.36
N LYS A 26 36.00 16.49 -10.63
CA LYS A 26 37.31 17.00 -11.02
C LYS A 26 37.42 18.49 -10.69
N TYR A 27 36.35 19.23 -10.96
CA TYR A 27 36.34 20.66 -10.68
C TYR A 27 36.63 20.94 -9.21
N ILE A 28 35.97 20.22 -8.32
CA ILE A 28 36.15 20.39 -6.89
C ILE A 28 37.57 20.04 -6.46
N ALA A 29 38.12 18.99 -7.07
CA ALA A 29 39.47 18.52 -6.76
C ALA A 29 40.56 19.53 -7.10
N GLU A 30 40.46 20.14 -8.28
CA GLU A 30 41.46 21.11 -8.71
C GLU A 30 41.24 22.51 -8.16
N THR A 31 40.04 22.77 -7.64
CA THR A 31 39.74 24.10 -7.11
C THR A 31 39.92 24.21 -5.59
N PHE A 32 39.50 23.19 -4.85
CA PHE A 32 39.60 23.25 -3.39
C PHE A 32 40.60 22.29 -2.74
N LEU A 33 40.88 21.16 -3.38
CA LEU A 33 41.81 20.19 -2.81
C LEU A 33 43.26 20.39 -3.23
N GLU A 34 44.16 20.02 -2.34
CA GLU A 34 45.60 20.13 -2.59
C GLU A 34 46.21 18.74 -2.76
N ASP A 35 47.15 18.62 -3.68
CA ASP A 35 47.83 17.35 -3.91
C ASP A 35 46.84 16.22 -4.25
N ALA A 36 45.82 16.54 -5.02
CA ALA A 36 44.81 15.56 -5.40
C ALA A 36 45.33 14.47 -6.34
N ARG A 37 44.76 13.28 -6.23
CA ARG A 37 45.13 12.14 -7.05
C ARG A 37 43.86 11.40 -7.49
N GLU A 38 43.88 10.83 -8.69
CA GLU A 38 42.74 10.09 -9.19
C GLU A 38 42.71 8.71 -8.52
N VAL A 39 41.54 8.29 -8.06
CA VAL A 39 41.41 7.00 -7.39
C VAL A 39 40.36 6.09 -8.01
N ASN A 40 39.62 6.59 -9.00
CA ASN A 40 38.60 5.80 -9.67
C ASN A 40 38.19 6.43 -11.00
N ASN A 41 37.78 5.58 -11.94
CA ASN A 41 37.33 6.03 -13.26
C ASN A 41 36.34 5.04 -13.85
N VAL A 42 35.96 4.04 -13.06
CA VAL A 42 35.01 3.01 -13.48
C VAL A 42 33.69 3.64 -13.96
N ARG A 43 33.24 3.20 -15.14
CA ARG A 43 32.01 3.70 -15.72
C ARG A 43 32.06 5.22 -15.86
N GLY A 44 33.27 5.76 -15.86
CA GLY A 44 33.46 7.20 -16.02
C GLY A 44 33.12 8.05 -14.81
N MET A 45 33.01 7.43 -13.64
CA MET A 45 32.69 8.15 -12.41
C MET A 45 34.00 8.50 -11.70
N LEU A 46 34.65 9.55 -12.19
CA LEU A 46 35.93 10.01 -11.64
C LEU A 46 35.91 10.29 -10.15
N GLY A 47 36.88 9.71 -9.45
CA GLY A 47 37.01 9.89 -8.02
C GLY A 47 38.37 10.47 -7.70
N PHE A 48 38.45 11.38 -6.74
CA PHE A 48 39.71 12.01 -6.37
C PHE A 48 39.92 12.10 -4.86
N THR A 49 41.17 12.18 -4.44
CA THR A 49 41.50 12.29 -3.03
C THR A 49 42.64 13.28 -2.80
N GLY A 50 42.42 14.20 -1.89
CA GLY A 50 43.42 15.19 -1.57
C GLY A 50 43.26 15.68 -0.15
N THR A 51 43.71 16.89 0.11
CA THR A 51 43.59 17.46 1.43
C THR A 51 43.09 18.89 1.35
N TYR A 52 42.37 19.31 2.39
CA TYR A 52 41.85 20.67 2.48
C TYR A 52 42.31 21.16 3.85
N LYS A 53 43.26 22.09 3.84
CA LYS A 53 43.81 22.63 5.06
C LYS A 53 44.37 21.48 5.91
N GLY A 54 45.02 20.54 5.22
CA GLY A 54 45.63 19.40 5.90
C GLY A 54 44.74 18.21 6.15
N ARG A 55 43.44 18.40 6.02
CA ARG A 55 42.46 17.34 6.23
C ARG A 55 42.24 16.51 4.98
N LYS A 56 42.33 15.19 5.10
CA LYS A 56 42.14 14.32 3.94
C LYS A 56 40.65 14.30 3.54
N ILE A 57 40.40 14.49 2.24
CA ILE A 57 39.04 14.48 1.72
C ILE A 57 39.00 13.94 0.30
N SER A 58 37.94 13.21 -0.03
CA SER A 58 37.78 12.65 -1.37
C SER A 58 36.52 13.22 -1.99
N VAL A 59 36.46 13.22 -3.32
CA VAL A 59 35.29 13.72 -4.03
C VAL A 59 34.99 12.82 -5.23
N MET A 60 33.71 12.51 -5.44
CA MET A 60 33.29 11.66 -6.55
C MET A 60 31.77 11.71 -6.73
N GLY A 61 31.33 11.77 -7.99
CA GLY A 61 29.91 11.81 -8.27
C GLY A 61 29.16 10.56 -7.83
N HIS A 62 27.84 10.67 -7.70
CA HIS A 62 27.03 9.54 -7.25
C HIS A 62 25.93 9.17 -8.26
N GLY A 63 25.85 9.92 -9.35
CA GLY A 63 24.83 9.64 -10.35
C GLY A 63 23.48 10.13 -9.90
N VAL A 64 22.60 10.37 -10.86
CA VAL A 64 21.26 10.86 -10.56
C VAL A 64 20.34 9.73 -10.10
N GLY A 65 19.62 9.95 -8.99
CA GLY A 65 18.71 8.93 -8.51
C GLY A 65 19.16 8.09 -7.34
N ILE A 66 18.21 7.71 -6.50
CA ILE A 66 18.48 6.89 -5.33
C ILE A 66 19.20 5.60 -5.68
N PRO A 67 18.78 4.92 -6.76
CA PRO A 67 19.44 3.66 -7.13
C PRO A 67 20.94 3.85 -7.35
N SER A 68 21.30 4.86 -8.13
CA SER A 68 22.69 5.14 -8.43
C SER A 68 23.52 5.49 -7.20
N CYS A 69 23.07 6.47 -6.41
CA CYS A 69 23.84 6.87 -5.23
C CYS A 69 23.88 5.82 -4.12
N SER A 70 22.90 4.92 -4.11
CA SER A 70 22.86 3.86 -3.10
C SER A 70 24.02 2.91 -3.32
N ILE A 71 24.42 2.76 -4.58
CA ILE A 71 25.53 1.88 -4.94
C ILE A 71 26.85 2.43 -4.41
N TYR A 72 27.20 3.62 -4.86
CA TYR A 72 28.43 4.27 -4.47
C TYR A 72 28.56 4.49 -2.97
N THR A 73 27.55 5.07 -2.33
CA THR A 73 27.62 5.30 -0.91
C THR A 73 27.83 3.98 -0.15
N LYS A 74 27.14 2.92 -0.58
CA LYS A 74 27.27 1.62 0.06
C LYS A 74 28.70 1.07 -0.08
N GLU A 75 29.18 0.99 -1.32
CA GLU A 75 30.52 0.46 -1.55
C GLU A 75 31.59 1.25 -0.78
N LEU A 76 31.43 2.58 -0.73
CA LEU A 76 32.40 3.41 -0.01
C LEU A 76 32.42 3.12 1.48
N ILE A 77 31.24 2.92 2.05
CA ILE A 77 31.11 2.63 3.47
C ILE A 77 31.67 1.28 3.86
N THR A 78 31.17 0.23 3.21
CA THR A 78 31.57 -1.14 3.52
C THR A 78 32.95 -1.59 3.04
N ASP A 79 33.41 -1.07 1.91
CA ASP A 79 34.70 -1.50 1.39
C ASP A 79 35.84 -0.49 1.45
N PHE A 80 35.54 0.78 1.70
CA PHE A 80 36.61 1.78 1.76
C PHE A 80 36.64 2.58 3.06
N GLY A 81 36.02 2.03 4.10
CA GLY A 81 36.00 2.68 5.40
C GLY A 81 35.53 4.12 5.51
N VAL A 82 34.61 4.52 4.64
CA VAL A 82 34.10 5.89 4.68
C VAL A 82 33.15 6.10 5.85
N LYS A 83 33.38 7.17 6.62
CA LYS A 83 32.54 7.47 7.78
C LYS A 83 31.48 8.55 7.53
N LYS A 84 31.79 9.48 6.63
CA LYS A 84 30.86 10.57 6.33
C LYS A 84 30.69 10.79 4.83
N ILE A 85 29.45 11.10 4.45
CA ILE A 85 29.13 11.36 3.05
C ILE A 85 28.34 12.65 2.97
N ILE A 86 28.87 13.63 2.24
CA ILE A 86 28.19 14.90 2.07
C ILE A 86 27.80 15.09 0.62
N ARG A 87 26.50 15.07 0.37
CA ARG A 87 26.02 15.27 -0.98
C ARG A 87 25.91 16.77 -1.23
N VAL A 88 26.44 17.21 -2.37
CA VAL A 88 26.39 18.61 -2.75
C VAL A 88 25.74 18.69 -4.11
N GLY A 89 24.55 19.27 -4.17
CA GLY A 89 23.86 19.35 -5.45
C GLY A 89 22.91 20.52 -5.55
N SER A 90 21.83 20.30 -6.31
CA SER A 90 20.82 21.33 -6.51
C SER A 90 19.47 20.80 -6.06
N CYS A 91 18.45 21.65 -6.10
CA CYS A 91 17.10 21.25 -5.72
C CYS A 91 16.06 22.25 -6.20
N GLY A 92 14.84 21.76 -6.41
CA GLY A 92 13.75 22.62 -6.84
C GLY A 92 12.94 22.97 -5.60
N ALA A 93 12.54 24.22 -5.47
CA ALA A 93 11.77 24.64 -4.30
C ALA A 93 10.28 24.77 -4.60
N VAL A 94 9.46 24.44 -3.60
CA VAL A 94 8.00 24.50 -3.74
C VAL A 94 7.42 25.63 -2.88
N LEU A 95 8.22 26.14 -1.95
CA LEU A 95 7.79 27.23 -1.08
C LEU A 95 8.08 28.59 -1.69
N PRO A 96 7.11 29.51 -1.61
CA PRO A 96 7.22 30.87 -2.16
C PRO A 96 8.40 31.68 -1.61
N HIS A 97 8.68 31.56 -0.31
CA HIS A 97 9.77 32.31 0.30
C HIS A 97 11.17 31.75 0.03
N VAL A 98 11.24 30.52 -0.46
CA VAL A 98 12.54 29.92 -0.79
C VAL A 98 12.91 30.39 -2.19
N LYS A 99 13.99 31.14 -2.30
CA LYS A 99 14.42 31.68 -3.59
C LYS A 99 15.62 30.96 -4.20
N LEU A 100 15.86 31.23 -5.48
CA LEU A 100 16.99 30.63 -6.19
C LEU A 100 18.27 31.02 -5.49
N ARG A 101 19.25 30.12 -5.53
CA ARG A 101 20.54 30.35 -4.90
C ARG A 101 20.53 30.16 -3.38
N ASP A 102 19.34 29.95 -2.82
CA ASP A 102 19.25 29.71 -1.37
C ASP A 102 19.92 28.38 -1.07
N VAL A 103 20.50 28.25 0.12
CA VAL A 103 21.16 27.02 0.52
C VAL A 103 20.24 26.27 1.48
N VAL A 104 19.99 25.00 1.19
CA VAL A 104 19.13 24.18 2.02
C VAL A 104 19.88 22.97 2.55
N ILE A 105 19.75 22.73 3.86
CA ILE A 105 20.40 21.59 4.50
C ILE A 105 19.32 20.59 4.91
N GLY A 106 19.31 19.44 4.25
CA GLY A 106 18.31 18.42 4.52
C GLY A 106 18.50 17.60 5.78
N MET A 107 18.02 18.11 6.90
CA MET A 107 18.13 17.38 8.16
C MET A 107 17.32 16.09 8.02
N GLY A 108 16.27 16.16 7.21
CA GLY A 108 15.43 15.00 6.97
C GLY A 108 15.18 14.90 5.49
N ALA A 109 14.61 13.78 5.04
CA ALA A 109 14.34 13.59 3.62
C ALA A 109 13.14 12.68 3.36
N CYS A 110 12.06 13.26 2.86
CA CYS A 110 10.86 12.50 2.52
C CYS A 110 11.17 11.86 1.16
N THR A 111 10.30 10.97 0.70
CA THR A 111 10.52 10.32 -0.60
C THR A 111 9.33 9.50 -1.04
N ASP A 112 9.25 9.23 -2.34
CA ASP A 112 8.17 8.40 -2.86
C ASP A 112 8.77 7.09 -3.35
N SER A 113 10.05 6.90 -3.04
CA SER A 113 10.76 5.67 -3.38
C SER A 113 10.30 4.60 -2.40
N LYS A 114 10.58 3.34 -2.71
CA LYS A 114 10.17 2.24 -1.85
C LYS A 114 11.35 1.61 -1.13
N VAL A 115 12.56 2.06 -1.45
CA VAL A 115 13.77 1.48 -0.85
C VAL A 115 13.76 1.38 0.67
N ASN A 116 13.34 2.44 1.35
CA ASN A 116 13.32 2.43 2.80
C ASN A 116 12.24 1.53 3.37
N ARG A 117 11.10 1.43 2.70
CA ARG A 117 10.04 0.56 3.17
C ARG A 117 10.51 -0.88 3.02
N ILE A 118 11.27 -1.13 1.95
CA ILE A 118 11.81 -2.45 1.70
C ILE A 118 12.76 -2.80 2.83
N ARG A 119 13.46 -1.80 3.34
CA ARG A 119 14.40 -2.00 4.43
C ARG A 119 13.73 -2.06 5.80
N PHE A 120 12.71 -1.24 5.99
CA PHE A 120 12.02 -1.15 7.28
C PHE A 120 10.73 -1.93 7.47
N LYS A 121 10.62 -3.09 6.83
CA LYS A 121 9.42 -3.93 6.96
C LYS A 121 8.13 -3.20 6.58
N ASP A 122 8.21 -2.38 5.54
CA ASP A 122 7.08 -1.61 5.02
C ASP A 122 6.51 -0.57 5.98
N HIS A 123 7.30 -0.17 6.97
CA HIS A 123 6.86 0.85 7.93
C HIS A 123 7.56 2.15 7.53
N ASP A 124 7.34 3.22 8.29
CA ASP A 124 7.96 4.51 7.98
C ASP A 124 9.31 4.71 8.63
N PHE A 125 10.36 4.74 7.83
CA PHE A 125 11.70 4.99 8.34
C PHE A 125 11.96 6.47 8.10
N ALA A 126 12.26 7.22 9.15
CA ALA A 126 12.54 8.63 9.01
C ALA A 126 13.98 8.80 8.51
N ALA A 127 14.12 9.03 7.21
CA ALA A 127 15.43 9.20 6.60
C ALA A 127 16.01 10.52 7.09
N ILE A 128 17.03 10.42 7.94
CA ILE A 128 17.65 11.62 8.50
C ILE A 128 19.17 11.67 8.36
N ALA A 129 19.70 12.90 8.43
CA ALA A 129 21.12 13.12 8.35
C ALA A 129 21.69 13.01 9.76
N ASP A 130 23.00 13.05 9.88
CA ASP A 130 23.66 12.98 11.19
C ASP A 130 23.48 14.37 11.80
N PHE A 131 22.99 14.45 13.03
CA PHE A 131 22.76 15.76 13.65
C PHE A 131 23.98 16.67 13.72
N ASP A 132 25.11 16.13 14.14
CA ASP A 132 26.33 16.93 14.24
C ASP A 132 26.72 17.52 12.89
N MET A 133 26.60 16.72 11.83
CA MET A 133 26.95 17.19 10.50
C MET A 133 26.05 18.36 10.11
N VAL A 134 24.77 18.26 10.46
CA VAL A 134 23.83 19.33 10.14
C VAL A 134 24.26 20.64 10.81
N ARG A 135 24.54 20.56 12.12
CA ARG A 135 24.96 21.73 12.87
C ARG A 135 26.32 22.25 12.40
N ASN A 136 27.18 21.35 11.93
CA ASN A 136 28.50 21.77 11.44
C ASN A 136 28.30 22.58 10.16
N ALA A 137 27.37 22.14 9.31
CA ALA A 137 27.08 22.82 8.05
C ALA A 137 26.44 24.18 8.31
N VAL A 138 25.56 24.22 9.31
CA VAL A 138 24.87 25.45 9.67
C VAL A 138 25.87 26.50 10.16
N ASP A 139 26.73 26.09 11.08
CA ASP A 139 27.75 26.98 11.63
C ASP A 139 28.76 27.41 10.57
N ALA A 140 29.20 26.46 9.75
CA ALA A 140 30.15 26.74 8.68
C ALA A 140 29.57 27.84 7.79
N ALA A 141 28.29 27.69 7.44
CA ALA A 141 27.60 28.66 6.60
C ALA A 141 27.62 30.03 7.28
N LYS A 142 27.24 30.05 8.56
CA LYS A 142 27.21 31.29 9.33
C LYS A 142 28.55 31.99 9.27
N ALA A 143 29.62 31.23 9.49
CA ALA A 143 30.98 31.78 9.48
C ALA A 143 31.31 32.41 8.14
N LEU A 144 30.64 31.95 7.08
CA LEU A 144 30.88 32.49 5.74
C LEU A 144 29.89 33.62 5.44
N GLY A 145 29.00 33.89 6.39
CA GLY A 145 28.03 34.95 6.19
C GLY A 145 26.84 34.47 5.36
N ILE A 146 26.47 33.21 5.54
CA ILE A 146 25.34 32.64 4.81
C ILE A 146 24.34 32.04 5.79
N ASP A 147 23.07 32.36 5.59
CA ASP A 147 22.00 31.84 6.44
C ASP A 147 21.34 30.68 5.73
N ALA A 148 21.72 29.46 6.10
CA ALA A 148 21.17 28.26 5.48
C ALA A 148 19.79 27.94 6.03
N ARG A 149 19.01 27.19 5.26
CA ARG A 149 17.67 26.79 5.66
C ARG A 149 17.75 25.31 6.01
N VAL A 150 17.25 24.95 7.20
CA VAL A 150 17.29 23.56 7.63
C VAL A 150 15.90 22.95 7.78
N GLY A 151 15.68 21.83 7.10
CA GLY A 151 14.40 21.17 7.17
C GLY A 151 14.35 19.90 6.35
N ASN A 152 13.17 19.59 5.83
CA ASN A 152 12.97 18.40 5.01
C ASN A 152 13.15 18.63 3.52
N LEU A 153 13.75 17.63 2.88
CA LEU A 153 13.94 17.63 1.44
C LEU A 153 13.01 16.51 0.99
N PHE A 154 12.75 16.42 -0.30
CA PHE A 154 11.92 15.36 -0.83
C PHE A 154 12.70 14.73 -1.97
N SER A 155 13.05 13.45 -1.80
CA SER A 155 13.80 12.72 -2.81
C SER A 155 12.84 12.01 -3.74
N ALA A 156 12.67 12.57 -4.93
CA ALA A 156 11.75 12.02 -5.93
C ALA A 156 12.42 11.04 -6.87
N ASP A 157 11.67 10.00 -7.23
CA ASP A 157 12.17 9.00 -8.16
C ASP A 157 11.91 9.49 -9.58
N LEU A 158 10.90 10.34 -9.74
CA LEU A 158 10.57 10.85 -11.06
C LEU A 158 10.66 12.36 -11.17
N PHE A 159 11.64 12.83 -11.94
CA PHE A 159 11.85 14.25 -12.17
C PHE A 159 10.59 14.79 -12.85
N TYR A 160 10.04 14.00 -13.75
CA TYR A 160 8.81 14.36 -14.47
C TYR A 160 7.67 13.53 -13.88
N SER A 161 7.19 13.97 -12.73
CA SER A 161 6.11 13.27 -12.04
C SER A 161 4.73 13.51 -12.64
N PRO A 162 3.91 12.45 -12.70
CA PRO A 162 2.56 12.54 -13.26
C PRO A 162 1.62 13.13 -12.20
N ASP A 163 2.06 13.08 -10.95
CA ASP A 163 1.28 13.59 -9.83
C ASP A 163 1.67 15.01 -9.47
N GLY A 164 1.25 15.98 -10.28
CA GLY A 164 1.58 17.36 -10.02
C GLY A 164 1.10 17.86 -8.66
N GLU A 165 -0.07 17.38 -8.25
CA GLU A 165 -0.64 17.78 -6.97
C GLU A 165 0.25 17.48 -5.77
N MET A 166 1.11 16.48 -5.90
CA MET A 166 2.00 16.12 -4.80
C MET A 166 2.87 17.30 -4.38
N PHE A 167 3.23 18.15 -5.35
CA PHE A 167 4.04 19.31 -5.07
C PHE A 167 3.30 20.24 -4.13
N ASP A 168 1.97 20.23 -4.23
CA ASP A 168 1.14 21.07 -3.37
C ASP A 168 1.23 20.52 -1.94
N VAL A 169 1.22 19.19 -1.82
CA VAL A 169 1.33 18.56 -0.51
C VAL A 169 2.69 18.86 0.09
N MET A 170 3.73 18.83 -0.75
CA MET A 170 5.09 19.12 -0.29
C MET A 170 5.16 20.52 0.32
N GLU A 171 4.59 21.49 -0.38
CA GLU A 171 4.59 22.87 0.10
C GLU A 171 3.83 22.97 1.42
N LYS A 172 2.68 22.31 1.49
CA LYS A 172 1.84 22.31 2.68
C LYS A 172 2.54 21.73 3.90
N TYR A 173 3.54 20.87 3.67
CA TYR A 173 4.25 20.25 4.78
C TYR A 173 5.66 20.78 5.02
N GLY A 174 5.98 21.93 4.46
CA GLY A 174 7.29 22.54 4.69
C GLY A 174 8.49 22.05 3.92
N ILE A 175 8.30 21.24 2.89
CA ILE A 175 9.43 20.73 2.10
C ILE A 175 10.20 21.93 1.54
N LEU A 176 11.50 21.97 1.82
CA LEU A 176 12.35 23.07 1.38
C LEU A 176 12.91 22.88 -0.03
N GLY A 177 13.18 21.63 -0.39
CA GLY A 177 13.73 21.37 -1.71
C GLY A 177 13.46 19.98 -2.21
N VAL A 178 13.29 19.87 -3.52
CA VAL A 178 13.03 18.59 -4.14
C VAL A 178 14.28 18.17 -4.92
N GLU A 179 14.83 17.02 -4.54
CA GLU A 179 16.01 16.50 -5.22
C GLU A 179 15.80 15.01 -5.50
N MET A 180 16.87 14.26 -5.73
CA MET A 180 16.69 12.85 -6.04
C MET A 180 17.68 11.87 -5.42
N GLU A 181 18.16 12.16 -4.21
CA GLU A 181 19.12 11.25 -3.58
C GLU A 181 19.07 11.14 -2.06
N ALA A 182 18.91 12.27 -1.38
CA ALA A 182 18.89 12.33 0.09
C ALA A 182 18.35 11.10 0.81
N ALA A 183 17.04 10.88 0.71
CA ALA A 183 16.42 9.74 1.39
C ALA A 183 17.19 8.43 1.17
N GLY A 184 17.69 8.22 -0.04
CA GLY A 184 18.43 7.01 -0.32
C GLY A 184 19.77 6.93 0.39
N ILE A 185 20.49 8.05 0.38
CA ILE A 185 21.80 8.12 1.04
C ILE A 185 21.64 7.94 2.55
N TYR A 186 20.61 8.57 3.11
CA TYR A 186 20.36 8.49 4.54
C TYR A 186 19.98 7.04 4.89
N GLY A 187 19.29 6.39 3.96
CA GLY A 187 18.88 5.00 4.18
C GLY A 187 20.10 4.09 4.23
N VAL A 188 21.02 4.32 3.31
CA VAL A 188 22.26 3.54 3.23
C VAL A 188 23.09 3.78 4.49
N ALA A 189 23.18 5.04 4.91
CA ALA A 189 23.95 5.40 6.09
C ALA A 189 23.45 4.64 7.33
N ALA A 190 22.14 4.63 7.52
CA ALA A 190 21.56 3.94 8.67
C ALA A 190 21.79 2.43 8.55
N GLU A 191 21.63 1.91 7.35
CA GLU A 191 21.80 0.47 7.12
C GLU A 191 23.22 -0.02 7.38
N PHE A 192 24.23 0.77 7.03
CA PHE A 192 25.60 0.34 7.23
C PHE A 192 26.37 1.11 8.31
N GLY A 193 25.62 1.74 9.21
CA GLY A 193 26.20 2.48 10.32
C GLY A 193 27.15 3.63 10.05
N ALA A 194 26.86 4.42 9.02
CA ALA A 194 27.71 5.56 8.68
C ALA A 194 26.94 6.87 8.92
N LYS A 195 27.56 7.99 8.58
CA LYS A 195 26.93 9.30 8.76
C LYS A 195 26.79 9.97 7.40
N ALA A 196 25.69 10.69 7.19
CA ALA A 196 25.47 11.36 5.92
C ALA A 196 24.73 12.69 6.05
N LEU A 197 24.92 13.56 5.07
CA LEU A 197 24.26 14.86 5.04
C LEU A 197 24.14 15.33 3.60
N THR A 198 23.03 15.98 3.29
CA THR A 198 22.81 16.50 1.94
C THR A 198 22.67 18.01 1.98
N ILE A 199 23.46 18.70 1.15
CA ILE A 199 23.43 20.15 1.07
C ILE A 199 23.10 20.50 -0.38
N CYS A 200 22.10 21.37 -0.59
CA CYS A 200 21.70 21.75 -1.94
C CYS A 200 21.39 23.23 -2.09
N THR A 201 21.62 23.76 -3.28
CA THR A 201 21.30 25.15 -3.57
C THR A 201 20.11 25.14 -4.53
N VAL A 202 19.13 25.99 -4.27
CA VAL A 202 17.94 26.05 -5.10
C VAL A 202 18.25 26.41 -6.54
N SER A 203 18.06 25.46 -7.44
CA SER A 203 18.32 25.67 -8.86
C SER A 203 17.11 26.20 -9.61
N ASP A 204 15.93 26.10 -9.01
CA ASP A 204 14.72 26.59 -9.66
C ASP A 204 13.45 26.42 -8.83
N HIS A 205 12.37 27.04 -9.30
CA HIS A 205 11.09 26.97 -8.63
C HIS A 205 10.18 25.97 -9.31
N ILE A 206 9.43 25.21 -8.50
CA ILE A 206 8.51 24.22 -9.03
C ILE A 206 7.10 24.80 -8.88
N ARG A 207 6.89 25.96 -9.50
CA ARG A 207 5.62 26.66 -9.46
C ARG A 207 5.70 27.89 -10.37
N THR A 208 6.85 28.55 -10.33
CA THR A 208 7.09 29.75 -11.14
C THR A 208 8.39 29.59 -11.91
N HIS A 209 9.17 30.67 -11.99
CA HIS A 209 10.44 30.65 -12.69
C HIS A 209 11.22 31.96 -12.50
N GLU A 210 12.15 31.95 -11.56
CA GLU A 210 12.96 33.13 -11.27
C GLU A 210 14.13 33.15 -12.26
N GLN A 211 15.18 33.91 -11.93
CA GLN A 211 16.35 34.00 -12.79
C GLN A 211 17.65 34.23 -12.00
N THR A 212 18.71 33.58 -12.45
CA THR A 212 20.03 33.70 -11.82
C THR A 212 21.12 33.65 -12.89
N THR A 213 21.87 34.73 -13.01
CA THR A 213 22.95 34.80 -14.00
C THR A 213 23.92 33.62 -13.84
N ALA A 214 24.67 33.34 -14.90
CA ALA A 214 25.63 32.24 -14.88
C ALA A 214 26.64 32.40 -13.74
N ALA A 215 27.04 33.64 -13.49
CA ALA A 215 28.00 33.93 -12.44
C ALA A 215 27.46 33.57 -11.05
N GLU A 216 26.21 33.95 -10.80
CA GLU A 216 25.57 33.67 -9.52
C GLU A 216 25.70 32.20 -9.14
N ARG A 217 25.43 31.32 -10.10
CA ARG A 217 25.51 29.89 -9.87
C ARG A 217 26.92 29.45 -9.49
N GLN A 218 27.88 29.68 -10.38
CA GLN A 218 29.26 29.29 -10.14
C GLN A 218 29.78 29.84 -8.82
N THR A 219 29.27 31.01 -8.42
CA THR A 219 29.68 31.65 -7.19
C THR A 219 29.03 30.95 -5.99
N THR A 220 27.72 30.78 -6.05
CA THR A 220 27.00 30.11 -4.97
C THR A 220 27.46 28.66 -4.85
N PHE A 221 27.83 28.05 -5.97
CA PHE A 221 28.30 26.67 -5.97
C PHE A 221 29.59 26.57 -5.16
N ASN A 222 30.52 27.50 -5.40
CA ASN A 222 31.76 27.50 -4.66
C ASN A 222 31.45 27.69 -3.18
N ASP A 223 30.46 28.53 -2.90
CA ASP A 223 30.03 28.79 -1.52
C ASP A 223 29.57 27.50 -0.84
N MET A 224 28.81 26.69 -1.57
CA MET A 224 28.31 25.42 -1.03
C MET A 224 29.43 24.44 -0.73
N ILE A 225 30.42 24.39 -1.61
CA ILE A 225 31.55 23.49 -1.42
C ILE A 225 32.30 23.92 -0.16
N LYS A 226 32.52 25.23 -0.03
CA LYS A 226 33.22 25.78 1.12
C LYS A 226 32.48 25.43 2.41
N ILE A 227 31.15 25.54 2.38
CA ILE A 227 30.36 25.21 3.56
C ILE A 227 30.57 23.76 3.94
N ALA A 228 30.53 22.88 2.94
CA ALA A 228 30.71 21.45 3.16
C ALA A 228 32.10 21.15 3.72
N LEU A 229 33.12 21.65 3.06
CA LEU A 229 34.49 21.43 3.50
C LEU A 229 34.78 21.97 4.90
N GLU A 230 34.34 23.20 5.17
CA GLU A 230 34.56 23.79 6.49
C GLU A 230 33.74 23.09 7.56
N SER A 231 32.60 22.52 7.17
CA SER A 231 31.75 21.81 8.13
C SER A 231 32.50 20.57 8.61
N VAL A 232 33.30 19.98 7.72
CA VAL A 232 34.08 18.80 8.08
C VAL A 232 35.12 19.14 9.15
N LEU A 233 35.75 20.30 9.01
CA LEU A 233 36.77 20.74 9.95
C LEU A 233 36.15 21.02 11.32
N LEU A 234 34.92 21.53 11.33
CA LEU A 234 34.24 21.81 12.58
C LEU A 234 33.88 20.47 13.22
N GLY A 235 33.54 19.50 12.39
CA GLY A 235 33.20 18.18 12.90
C GLY A 235 34.40 17.53 13.55
N ASP A 236 35.58 17.74 12.98
CA ASP A 236 36.81 17.18 13.51
C ASP A 236 37.15 17.75 14.88
N LYS A 237 36.42 18.79 15.28
CA LYS A 237 36.63 19.44 16.57
C LYS A 237 35.46 19.16 17.51
N ALA B 1 -8.81 -37.26 -10.69
CA ALA B 1 -9.82 -36.22 -10.60
C ALA B 1 -9.46 -35.18 -9.54
N THR B 2 -10.11 -34.03 -9.62
CA THR B 2 -9.86 -32.94 -8.67
C THR B 2 -11.20 -32.37 -8.20
N PRO B 3 -11.17 -31.46 -7.21
CA PRO B 3 -12.41 -30.87 -6.69
C PRO B 3 -13.26 -30.15 -7.74
N HIS B 4 -12.63 -29.70 -8.82
CA HIS B 4 -13.35 -28.97 -9.85
C HIS B 4 -13.35 -29.65 -11.22
N ILE B 5 -12.55 -30.69 -11.38
CA ILE B 5 -12.48 -31.41 -12.64
C ILE B 5 -12.60 -32.92 -12.43
N ASN B 6 -13.72 -33.48 -12.88
CA ASN B 6 -13.98 -34.91 -12.74
C ASN B 6 -13.51 -35.63 -14.00
N ALA B 7 -12.20 -35.79 -14.12
CA ALA B 7 -11.60 -36.47 -15.26
C ALA B 7 -10.30 -37.13 -14.81
N GLU B 8 -9.63 -37.80 -15.74
CA GLU B 8 -8.38 -38.49 -15.41
C GLU B 8 -7.24 -38.07 -16.32
N MET B 9 -6.02 -38.17 -15.81
CA MET B 9 -4.83 -37.82 -16.58
C MET B 9 -4.89 -38.52 -17.93
N GLY B 10 -4.97 -37.73 -19.00
CA GLY B 10 -5.04 -38.29 -20.33
C GLY B 10 -6.26 -37.82 -21.09
N ASP B 11 -7.31 -37.46 -20.37
CA ASP B 11 -8.54 -37.00 -21.02
C ASP B 11 -8.35 -35.66 -21.72
N PHE B 12 -7.47 -34.81 -21.18
CA PHE B 12 -7.21 -33.51 -21.78
C PHE B 12 -5.95 -33.53 -22.64
N ALA B 13 -5.94 -32.67 -23.67
CA ALA B 13 -4.79 -32.55 -24.55
C ALA B 13 -3.78 -31.67 -23.83
N ASP B 14 -2.55 -31.60 -24.34
CA ASP B 14 -1.52 -30.79 -23.71
C ASP B 14 -1.69 -29.31 -24.05
N VAL B 15 -2.77 -29.00 -24.77
CA VAL B 15 -3.09 -27.63 -25.15
C VAL B 15 -4.59 -27.44 -24.92
N VAL B 16 -4.95 -26.43 -24.14
CA VAL B 16 -6.35 -26.18 -23.83
C VAL B 16 -6.76 -24.74 -24.15
N LEU B 17 -7.83 -24.60 -24.93
CA LEU B 17 -8.38 -23.28 -25.27
C LEU B 17 -9.45 -23.04 -24.23
N MET B 18 -9.45 -21.85 -23.62
CA MET B 18 -10.43 -21.56 -22.59
C MET B 18 -11.21 -20.26 -22.70
N PRO B 19 -12.51 -20.35 -23.00
CA PRO B 19 -13.38 -19.17 -23.12
C PRO B 19 -13.94 -18.95 -21.72
N GLY B 20 -14.53 -17.79 -21.47
CA GLY B 20 -15.10 -17.53 -20.16
C GLY B 20 -16.43 -18.23 -19.97
N ASP B 21 -17.21 -18.31 -21.05
CA ASP B 21 -18.52 -18.95 -21.02
C ASP B 21 -18.42 -20.45 -21.27
N PRO B 22 -18.86 -21.28 -20.31
CA PRO B 22 -18.79 -22.72 -20.51
C PRO B 22 -19.59 -23.22 -21.71
N LEU B 23 -20.68 -22.52 -22.02
CA LEU B 23 -21.51 -22.89 -23.16
C LEU B 23 -20.74 -22.59 -24.44
N ARG B 24 -19.78 -21.69 -24.33
CA ARG B 24 -18.94 -21.29 -25.47
C ARG B 24 -17.99 -22.44 -25.80
N ALA B 25 -17.64 -23.23 -24.78
CA ALA B 25 -16.74 -24.36 -24.97
C ALA B 25 -17.43 -25.39 -25.85
N LYS B 26 -18.71 -25.64 -25.56
CA LYS B 26 -19.51 -26.59 -26.33
C LYS B 26 -19.54 -26.12 -27.78
N TYR B 27 -19.73 -24.82 -27.96
CA TYR B 27 -19.78 -24.20 -29.28
C TYR B 27 -18.48 -24.43 -30.05
N ILE B 28 -17.36 -24.19 -29.38
CA ILE B 28 -16.05 -24.36 -30.00
C ILE B 28 -15.79 -25.81 -30.39
N ALA B 29 -16.00 -26.72 -29.46
CA ALA B 29 -15.78 -28.15 -29.70
C ALA B 29 -16.59 -28.67 -30.89
N GLU B 30 -17.89 -28.37 -30.91
CA GLU B 30 -18.76 -28.82 -31.98
C GLU B 30 -18.49 -28.14 -33.32
N THR B 31 -18.04 -26.89 -33.26
CA THR B 31 -17.77 -26.13 -34.48
C THR B 31 -16.40 -26.41 -35.10
N PHE B 32 -15.35 -26.52 -34.29
CA PHE B 32 -14.02 -26.73 -34.85
C PHE B 32 -13.35 -28.09 -34.59
N LEU B 33 -13.75 -28.79 -33.54
CA LEU B 33 -13.14 -30.08 -33.22
C LEU B 33 -13.85 -31.31 -33.77
N GLU B 34 -13.06 -32.28 -34.22
CA GLU B 34 -13.60 -33.52 -34.77
C GLU B 34 -13.46 -34.64 -33.73
N ASP B 35 -14.45 -35.53 -33.68
CA ASP B 35 -14.42 -36.64 -32.73
C ASP B 35 -14.21 -36.11 -31.31
N ALA B 36 -14.96 -35.07 -30.96
CA ALA B 36 -14.86 -34.46 -29.65
C ALA B 36 -15.76 -35.15 -28.64
N ARG B 37 -15.27 -35.27 -27.41
CA ARG B 37 -16.01 -35.90 -26.33
C ARG B 37 -15.93 -35.04 -25.07
N GLU B 38 -17.01 -35.03 -24.30
CA GLU B 38 -17.04 -34.25 -23.07
C GLU B 38 -16.17 -34.95 -22.03
N VAL B 39 -15.21 -34.22 -21.46
CA VAL B 39 -14.32 -34.79 -20.46
C VAL B 39 -14.56 -34.27 -19.05
N ASN B 40 -15.43 -33.26 -18.92
CA ASN B 40 -15.74 -32.70 -17.61
C ASN B 40 -17.08 -31.99 -17.57
N ASN B 41 -17.78 -32.10 -16.45
CA ASN B 41 -19.08 -31.46 -16.28
C ASN B 41 -19.27 -30.82 -14.90
N VAL B 42 -18.30 -31.02 -14.02
CA VAL B 42 -18.35 -30.47 -12.67
C VAL B 42 -18.73 -28.98 -12.67
N ARG B 43 -19.66 -28.62 -11.79
CA ARG B 43 -20.12 -27.24 -11.66
C ARG B 43 -20.57 -26.67 -13.00
N GLY B 44 -20.88 -27.55 -13.94
CA GLY B 44 -21.33 -27.11 -15.25
C GLY B 44 -20.24 -26.49 -16.10
N MET B 45 -18.99 -26.65 -15.68
CA MET B 45 -17.87 -26.09 -16.43
C MET B 45 -17.45 -27.14 -17.47
N LEU B 46 -18.24 -27.21 -18.54
CA LEU B 46 -18.02 -28.15 -19.63
C LEU B 46 -16.59 -28.14 -20.19
N GLY B 47 -16.08 -29.34 -20.42
CA GLY B 47 -14.74 -29.50 -20.98
C GLY B 47 -14.85 -30.51 -22.10
N PHE B 48 -14.05 -30.34 -23.15
CA PHE B 48 -14.10 -31.26 -24.28
C PHE B 48 -12.71 -31.54 -24.86
N THR B 49 -12.58 -32.67 -25.54
CA THR B 49 -11.32 -33.06 -26.15
C THR B 49 -11.61 -33.65 -27.52
N GLY B 50 -10.89 -33.16 -28.52
CA GLY B 50 -11.06 -33.64 -29.88
C GLY B 50 -9.83 -33.35 -30.70
N THR B 51 -9.97 -33.28 -32.01
CA THR B 51 -8.82 -33.01 -32.87
C THR B 51 -9.10 -31.91 -33.89
N TYR B 52 -8.06 -31.15 -34.19
CA TYR B 52 -8.15 -30.09 -35.18
C TYR B 52 -7.07 -30.40 -36.21
N LYS B 53 -7.49 -30.79 -37.41
CA LYS B 53 -6.55 -31.13 -38.47
C LYS B 53 -5.59 -32.21 -37.97
N GLY B 54 -6.13 -33.15 -37.21
CA GLY B 54 -5.33 -34.25 -36.69
C GLY B 54 -4.67 -34.01 -35.34
N ARG B 55 -4.64 -32.77 -34.88
CA ARG B 55 -4.03 -32.45 -33.60
C ARG B 55 -4.97 -32.55 -32.41
N LYS B 56 -4.55 -33.26 -31.38
CA LYS B 56 -5.37 -33.41 -30.18
C LYS B 56 -5.49 -32.04 -29.51
N ILE B 57 -6.73 -31.61 -29.28
CA ILE B 57 -6.98 -30.31 -28.66
C ILE B 57 -8.16 -30.36 -27.69
N SER B 58 -8.08 -29.57 -26.62
CA SER B 58 -9.15 -29.52 -25.63
C SER B 58 -9.67 -28.10 -25.46
N VAL B 59 -10.92 -27.98 -25.04
CA VAL B 59 -11.53 -26.69 -24.80
C VAL B 59 -12.41 -26.77 -23.55
N MET B 60 -12.31 -25.78 -22.68
CA MET B 60 -13.09 -25.77 -21.45
C MET B 60 -13.19 -24.36 -20.87
N GLY B 61 -14.39 -23.96 -20.48
CA GLY B 61 -14.57 -22.64 -19.91
C GLY B 61 -13.76 -22.46 -18.64
N HIS B 62 -13.49 -21.22 -18.26
CA HIS B 62 -12.72 -20.96 -17.06
C HIS B 62 -13.48 -20.10 -16.05
N GLY B 63 -14.74 -19.81 -16.36
CA GLY B 63 -15.54 -19.00 -15.46
C GLY B 63 -15.06 -17.56 -15.49
N VAL B 64 -15.82 -16.68 -14.86
CA VAL B 64 -15.46 -15.27 -14.85
C VAL B 64 -14.60 -14.87 -13.65
N GLY B 65 -13.52 -14.14 -13.90
CA GLY B 65 -12.67 -13.69 -12.83
C GLY B 65 -11.37 -14.44 -12.63
N ILE B 66 -10.38 -13.75 -12.08
CA ILE B 66 -9.08 -14.34 -11.81
C ILE B 66 -9.19 -15.53 -10.86
N PRO B 67 -9.93 -15.39 -9.76
CA PRO B 67 -10.07 -16.51 -8.81
C PRO B 67 -10.60 -17.78 -9.45
N SER B 68 -11.51 -17.63 -10.42
CA SER B 68 -12.09 -18.78 -11.09
C SER B 68 -11.12 -19.46 -12.06
N CYS B 69 -10.62 -18.70 -13.02
CA CYS B 69 -9.69 -19.26 -14.00
C CYS B 69 -8.39 -19.75 -13.36
N SER B 70 -8.03 -19.19 -12.20
CA SER B 70 -6.81 -19.59 -11.51
C SER B 70 -6.91 -21.05 -11.06
N ILE B 71 -8.11 -21.46 -10.67
CA ILE B 71 -8.34 -22.83 -10.21
C ILE B 71 -8.21 -23.82 -11.37
N TYR B 72 -8.99 -23.62 -12.41
CA TYR B 72 -9.00 -24.51 -13.57
C TYR B 72 -7.64 -24.61 -14.28
N THR B 73 -6.98 -23.49 -14.53
CA THR B 73 -5.69 -23.53 -15.21
C THR B 73 -4.66 -24.26 -14.35
N LYS B 74 -4.68 -23.98 -13.05
CA LYS B 74 -3.76 -24.62 -12.10
C LYS B 74 -3.93 -26.14 -12.13
N GLU B 75 -5.17 -26.59 -12.01
CA GLU B 75 -5.45 -28.02 -12.02
C GLU B 75 -5.06 -28.68 -13.34
N LEU B 76 -5.36 -28.01 -14.45
CA LEU B 76 -5.02 -28.57 -15.75
C LEU B 76 -3.52 -28.79 -15.86
N ILE B 77 -2.75 -27.83 -15.37
CA ILE B 77 -1.30 -27.90 -15.42
C ILE B 77 -0.66 -28.94 -14.48
N THR B 78 -1.04 -28.91 -13.21
CA THR B 78 -0.46 -29.83 -12.22
C THR B 78 -1.02 -31.25 -12.19
N ASP B 79 -2.28 -31.43 -12.59
CA ASP B 79 -2.88 -32.76 -12.55
C ASP B 79 -3.22 -33.39 -13.90
N PHE B 80 -3.25 -32.60 -14.96
CA PHE B 80 -3.57 -33.15 -16.27
C PHE B 80 -2.50 -32.98 -17.33
N GLY B 81 -1.29 -32.60 -16.89
CA GLY B 81 -0.19 -32.44 -17.81
C GLY B 81 -0.34 -31.41 -18.91
N VAL B 82 -1.22 -30.44 -18.73
CA VAL B 82 -1.41 -29.41 -19.75
C VAL B 82 -0.17 -28.51 -19.78
N LYS B 83 0.37 -28.30 -20.97
CA LYS B 83 1.57 -27.47 -21.14
C LYS B 83 1.26 -26.06 -21.64
N LYS B 84 0.17 -25.92 -22.39
CA LYS B 84 -0.23 -24.63 -22.94
C LYS B 84 -1.70 -24.35 -22.70
N ILE B 85 -2.00 -23.08 -22.39
CA ILE B 85 -3.36 -22.64 -22.17
C ILE B 85 -3.60 -21.36 -22.96
N ILE B 86 -4.59 -21.38 -23.83
CA ILE B 86 -4.92 -20.20 -24.63
C ILE B 86 -6.29 -19.69 -24.28
N ARG B 87 -6.34 -18.53 -23.64
CA ARG B 87 -7.63 -17.96 -23.29
C ARG B 87 -8.19 -17.24 -24.51
N VAL B 88 -9.41 -17.57 -24.88
CA VAL B 88 -10.08 -16.94 -26.00
C VAL B 88 -11.37 -16.34 -25.47
N GLY B 89 -11.41 -15.02 -25.34
CA GLY B 89 -12.61 -14.39 -24.83
C GLY B 89 -12.91 -13.05 -25.43
N SER B 90 -13.55 -12.20 -24.64
CA SER B 90 -13.91 -10.86 -25.07
C SER B 90 -13.31 -9.82 -24.12
N CYS B 91 -13.33 -8.56 -24.56
CA CYS B 91 -12.80 -7.47 -23.76
C CYS B 91 -13.44 -6.17 -24.22
N GLY B 92 -13.33 -5.14 -23.38
CA GLY B 92 -13.89 -3.85 -23.71
C GLY B 92 -12.76 -2.89 -24.02
N ALA B 93 -12.90 -2.12 -25.11
CA ALA B 93 -11.85 -1.18 -25.50
C ALA B 93 -11.92 0.17 -24.79
N VAL B 94 -10.77 0.83 -24.68
CA VAL B 94 -10.71 2.15 -24.06
C VAL B 94 -9.98 3.10 -24.99
N LEU B 95 -9.28 2.55 -25.98
CA LEU B 95 -8.54 3.34 -26.94
C LEU B 95 -9.40 3.70 -28.16
N PRO B 96 -9.44 4.99 -28.51
CA PRO B 96 -10.22 5.46 -29.66
C PRO B 96 -9.94 4.69 -30.95
N HIS B 97 -8.66 4.36 -31.17
CA HIS B 97 -8.28 3.63 -32.37
C HIS B 97 -8.70 2.16 -32.35
N VAL B 98 -8.73 1.54 -31.18
CA VAL B 98 -9.13 0.15 -31.09
C VAL B 98 -10.62 0.10 -31.41
N LYS B 99 -10.98 -0.58 -32.49
CA LYS B 99 -12.37 -0.67 -32.92
C LYS B 99 -13.02 -2.00 -32.58
N LEU B 100 -14.33 -2.07 -32.76
CA LEU B 100 -15.09 -3.28 -32.50
C LEU B 100 -14.60 -4.38 -33.45
N ARG B 101 -14.67 -5.62 -32.98
CA ARG B 101 -14.25 -6.78 -33.75
C ARG B 101 -12.74 -6.89 -33.95
N ASP B 102 -11.97 -6.01 -33.31
CA ASP B 102 -10.52 -6.06 -33.43
C ASP B 102 -9.99 -7.22 -32.58
N VAL B 103 -8.99 -7.93 -33.10
CA VAL B 103 -8.40 -9.04 -32.36
C VAL B 103 -7.19 -8.55 -31.58
N VAL B 104 -7.22 -8.73 -30.27
CA VAL B 104 -6.12 -8.28 -29.41
C VAL B 104 -5.38 -9.43 -28.73
N ILE B 105 -4.07 -9.43 -28.87
CA ILE B 105 -3.22 -10.46 -28.26
C ILE B 105 -2.55 -9.84 -27.03
N GLY B 106 -2.88 -10.35 -25.86
CA GLY B 106 -2.32 -9.82 -24.63
C GLY B 106 -0.94 -10.32 -24.26
N MET B 107 0.10 -9.73 -24.84
CA MET B 107 1.47 -10.13 -24.53
C MET B 107 1.73 -9.90 -23.04
N GLY B 108 1.03 -8.91 -22.48
CA GLY B 108 1.17 -8.59 -21.06
C GLY B 108 -0.20 -8.24 -20.52
N ALA B 109 -0.35 -8.26 -19.18
CA ALA B 109 -1.64 -7.97 -18.57
C ALA B 109 -1.52 -7.22 -17.23
N CYS B 110 -2.13 -6.04 -17.17
CA CYS B 110 -2.13 -5.24 -15.94
C CYS B 110 -3.29 -5.75 -15.09
N THR B 111 -3.40 -5.28 -13.85
CA THR B 111 -4.50 -5.75 -13.01
C THR B 111 -4.72 -5.01 -11.68
N ASP B 112 -5.94 -5.16 -11.17
CA ASP B 112 -6.37 -4.58 -9.90
C ASP B 112 -6.29 -5.62 -8.80
N SER B 113 -6.17 -6.88 -9.21
CA SER B 113 -6.07 -7.98 -8.25
C SER B 113 -4.77 -7.89 -7.48
N LYS B 114 -4.69 -8.63 -6.38
CA LYS B 114 -3.50 -8.62 -5.55
C LYS B 114 -2.86 -10.01 -5.50
N VAL B 115 -3.35 -10.91 -6.35
CA VAL B 115 -2.85 -12.28 -6.40
C VAL B 115 -1.36 -12.39 -6.72
N ASN B 116 -0.88 -11.57 -7.66
CA ASN B 116 0.53 -11.62 -8.02
C ASN B 116 1.41 -10.93 -6.98
N ARG B 117 0.82 -9.97 -6.27
CA ARG B 117 1.59 -9.30 -5.22
C ARG B 117 1.79 -10.32 -4.11
N ILE B 118 0.77 -11.14 -3.87
CA ILE B 118 0.87 -12.18 -2.85
C ILE B 118 1.97 -13.14 -3.26
N ARG B 119 2.08 -13.40 -4.56
CA ARG B 119 3.10 -14.30 -5.08
C ARG B 119 4.49 -13.68 -5.15
N PHE B 120 4.54 -12.40 -5.49
CA PHE B 120 5.81 -11.71 -5.70
C PHE B 120 6.29 -10.80 -4.58
N LYS B 121 6.03 -11.18 -3.33
CA LYS B 121 6.45 -10.41 -2.17
C LYS B 121 6.07 -8.94 -2.20
N ASP B 122 4.82 -8.69 -2.61
CA ASP B 122 4.27 -7.35 -2.67
C ASP B 122 4.92 -6.41 -3.67
N HIS B 123 5.78 -6.94 -4.54
CA HIS B 123 6.42 -6.11 -5.56
C HIS B 123 5.65 -6.24 -6.87
N ASP B 124 6.14 -5.59 -7.92
CA ASP B 124 5.48 -5.61 -9.22
C ASP B 124 5.92 -6.76 -10.10
N PHE B 125 5.04 -7.72 -10.32
CA PHE B 125 5.35 -8.85 -11.19
C PHE B 125 4.67 -8.61 -12.53
N ALA B 126 5.45 -8.55 -13.59
CA ALA B 126 4.91 -8.32 -14.92
C ALA B 126 4.29 -9.62 -15.46
N ALA B 127 2.96 -9.68 -15.44
CA ALA B 127 2.28 -10.87 -15.94
C ALA B 127 2.35 -10.86 -17.46
N ILE B 128 3.14 -11.77 -18.02
CA ILE B 128 3.28 -11.85 -19.46
C ILE B 128 3.00 -13.23 -20.02
N ALA B 129 2.69 -13.29 -21.30
CA ALA B 129 2.40 -14.52 -21.99
C ALA B 129 3.71 -15.13 -22.49
N ASP B 130 3.63 -16.33 -23.03
CA ASP B 130 4.82 -17.00 -23.56
C ASP B 130 5.15 -16.36 -24.91
N PHE B 131 6.39 -15.91 -25.08
CA PHE B 131 6.79 -15.27 -26.32
C PHE B 131 6.45 -16.07 -27.58
N ASP B 132 6.87 -17.33 -27.62
CA ASP B 132 6.61 -18.16 -28.79
C ASP B 132 5.12 -18.28 -29.10
N MET B 133 4.29 -18.40 -28.07
CA MET B 133 2.85 -18.50 -28.28
C MET B 133 2.29 -17.20 -28.87
N VAL B 134 2.84 -16.06 -28.45
CA VAL B 134 2.40 -14.78 -28.97
C VAL B 134 2.81 -14.71 -30.45
N ARG B 135 4.04 -15.12 -30.73
CA ARG B 135 4.55 -15.11 -32.10
C ARG B 135 3.73 -16.01 -33.01
N ASN B 136 3.36 -17.20 -32.52
CA ASN B 136 2.56 -18.13 -33.32
C ASN B 136 1.17 -17.57 -33.61
N ALA B 137 0.61 -16.87 -32.63
CA ALA B 137 -0.72 -16.28 -32.78
C ALA B 137 -0.71 -15.16 -33.82
N VAL B 138 0.32 -14.32 -33.78
CA VAL B 138 0.47 -13.23 -34.73
C VAL B 138 0.67 -13.77 -36.13
N ASP B 139 1.52 -14.78 -36.28
CA ASP B 139 1.78 -15.38 -37.57
C ASP B 139 0.53 -16.07 -38.10
N ALA B 140 -0.27 -16.66 -37.21
CA ALA B 140 -1.50 -17.32 -37.62
C ALA B 140 -2.48 -16.28 -38.16
N ALA B 141 -2.59 -15.17 -37.44
CA ALA B 141 -3.49 -14.09 -37.85
C ALA B 141 -3.09 -13.64 -39.25
N LYS B 142 -1.82 -13.31 -39.41
CA LYS B 142 -1.29 -12.86 -40.70
C LYS B 142 -1.73 -13.82 -41.81
N ALA B 143 -1.53 -15.12 -41.58
CA ALA B 143 -1.90 -16.14 -42.56
C ALA B 143 -3.37 -16.05 -42.95
N LEU B 144 -4.21 -15.72 -41.98
CA LEU B 144 -5.65 -15.60 -42.23
C LEU B 144 -5.99 -14.20 -42.72
N GLY B 145 -4.97 -13.40 -42.98
CA GLY B 145 -5.19 -12.04 -43.44
C GLY B 145 -5.90 -11.23 -42.39
N ILE B 146 -5.75 -11.63 -41.13
CA ILE B 146 -6.39 -10.93 -40.02
C ILE B 146 -5.41 -10.06 -39.26
N ASP B 147 -5.72 -8.77 -39.17
CA ASP B 147 -4.87 -7.83 -38.45
C ASP B 147 -5.04 -8.11 -36.97
N ALA B 148 -3.96 -8.04 -36.22
CA ALA B 148 -4.01 -8.28 -34.77
C ALA B 148 -3.15 -7.27 -34.03
N ARG B 149 -3.70 -6.74 -32.95
CA ARG B 149 -2.98 -5.76 -32.13
C ARG B 149 -2.39 -6.47 -30.92
N VAL B 150 -1.07 -6.34 -30.75
CA VAL B 150 -0.38 -6.97 -29.63
C VAL B 150 -0.02 -5.93 -28.57
N GLY B 151 -0.43 -6.18 -27.33
CA GLY B 151 -0.12 -5.24 -26.29
C GLY B 151 -0.55 -5.65 -24.89
N ASN B 152 -0.87 -4.65 -24.08
CA ASN B 152 -1.29 -4.85 -22.71
C ASN B 152 -2.81 -4.94 -22.54
N LEU B 153 -3.24 -5.89 -21.73
CA LEU B 153 -4.65 -6.03 -21.43
C LEU B 153 -4.74 -5.58 -19.98
N PHE B 154 -5.95 -5.47 -19.45
CA PHE B 154 -6.13 -5.09 -18.06
C PHE B 154 -7.15 -6.04 -17.48
N SER B 155 -6.73 -6.84 -16.52
CA SER B 155 -7.61 -7.82 -15.87
C SER B 155 -8.23 -7.18 -14.64
N ALA B 156 -9.50 -6.81 -14.76
CA ALA B 156 -10.22 -6.16 -13.67
C ALA B 156 -10.91 -7.15 -12.75
N ASP B 157 -10.99 -6.79 -11.48
CA ASP B 157 -11.66 -7.63 -10.49
C ASP B 157 -13.14 -7.25 -10.43
N LEU B 158 -13.44 -6.01 -10.76
CA LEU B 158 -14.83 -5.53 -10.72
C LEU B 158 -15.36 -5.00 -12.05
N PHE B 159 -16.20 -5.81 -12.69
CA PHE B 159 -16.81 -5.42 -13.97
C PHE B 159 -17.53 -4.09 -13.77
N TYR B 160 -18.07 -3.91 -12.56
CA TYR B 160 -18.76 -2.67 -12.20
C TYR B 160 -17.89 -1.99 -11.16
N SER B 161 -16.88 -1.27 -11.61
CA SER B 161 -15.97 -0.56 -10.70
C SER B 161 -16.57 0.73 -10.18
N PRO B 162 -16.25 1.08 -8.92
CA PRO B 162 -16.78 2.30 -8.30
C PRO B 162 -15.99 3.54 -8.71
N ASP B 163 -14.85 3.33 -9.37
CA ASP B 163 -14.02 4.45 -9.81
C ASP B 163 -13.77 4.43 -11.31
N GLY B 164 -14.58 5.18 -12.05
CA GLY B 164 -14.44 5.22 -13.50
C GLY B 164 -13.20 5.96 -13.97
N GLU B 165 -12.50 6.62 -13.04
CA GLU B 165 -11.31 7.38 -13.38
C GLU B 165 -10.19 6.46 -13.89
N MET B 166 -10.24 5.20 -13.49
CA MET B 166 -9.24 4.23 -13.90
C MET B 166 -9.25 4.02 -15.42
N PHE B 167 -10.42 4.19 -16.02
CA PHE B 167 -10.56 4.02 -17.47
C PHE B 167 -9.71 5.02 -18.26
N ASP B 168 -9.63 6.25 -17.77
CA ASP B 168 -8.81 7.24 -18.43
C ASP B 168 -7.34 6.88 -18.23
N VAL B 169 -7.03 6.27 -17.09
CA VAL B 169 -5.66 5.86 -16.79
C VAL B 169 -5.23 4.73 -17.74
N MET B 170 -6.14 3.80 -17.99
CA MET B 170 -5.84 2.69 -18.89
C MET B 170 -5.57 3.21 -20.29
N GLU B 171 -6.42 4.14 -20.74
CA GLU B 171 -6.29 4.72 -22.06
C GLU B 171 -4.97 5.46 -22.21
N LYS B 172 -4.62 6.25 -21.20
CA LYS B 172 -3.37 7.01 -21.23
C LYS B 172 -2.14 6.10 -21.36
N TYR B 173 -2.20 4.93 -20.73
CA TYR B 173 -1.08 4.01 -20.78
C TYR B 173 -1.12 2.91 -21.82
N GLY B 174 -2.02 3.06 -22.80
CA GLY B 174 -2.11 2.11 -23.89
C GLY B 174 -2.76 0.76 -23.76
N ILE B 175 -3.58 0.54 -22.73
CA ILE B 175 -4.24 -0.74 -22.58
C ILE B 175 -5.15 -0.98 -23.78
N LEU B 176 -5.03 -2.15 -24.38
CA LEU B 176 -5.81 -2.51 -25.57
C LEU B 176 -7.19 -3.05 -25.24
N GLY B 177 -7.34 -3.70 -24.10
CA GLY B 177 -8.63 -4.26 -23.74
C GLY B 177 -8.76 -4.58 -22.26
N VAL B 178 -9.99 -4.49 -21.77
CA VAL B 178 -10.28 -4.79 -20.38
C VAL B 178 -11.06 -6.09 -20.26
N GLU B 179 -10.46 -7.08 -19.61
CA GLU B 179 -11.14 -8.35 -19.39
C GLU B 179 -10.96 -8.71 -17.92
N MET B 180 -11.09 -9.98 -17.55
CA MET B 180 -10.97 -10.32 -16.14
C MET B 180 -10.22 -11.59 -15.80
N GLU B 181 -9.28 -12.01 -16.65
CA GLU B 181 -8.56 -13.25 -16.39
C GLU B 181 -7.07 -13.30 -16.71
N ALA B 182 -6.68 -12.67 -17.82
CA ALA B 182 -5.29 -12.66 -18.28
C ALA B 182 -4.22 -12.59 -17.20
N ALA B 183 -4.23 -11.53 -16.39
CA ALA B 183 -3.22 -11.37 -15.34
C ALA B 183 -3.14 -12.56 -14.40
N GLY B 184 -4.29 -13.17 -14.12
CA GLY B 184 -4.32 -14.30 -13.21
C GLY B 184 -3.73 -15.55 -13.85
N ILE B 185 -4.11 -15.78 -15.11
CA ILE B 185 -3.62 -16.94 -15.84
C ILE B 185 -2.11 -16.91 -16.04
N TYR B 186 -1.57 -15.73 -16.26
CA TYR B 186 -0.13 -15.56 -16.45
C TYR B 186 0.60 -15.79 -15.13
N GLY B 187 -0.03 -15.42 -14.03
CA GLY B 187 0.56 -15.62 -12.73
C GLY B 187 0.69 -17.11 -12.49
N VAL B 188 -0.38 -17.85 -12.78
CA VAL B 188 -0.40 -19.30 -12.62
C VAL B 188 0.61 -19.98 -13.51
N ALA B 189 0.73 -19.51 -14.76
CA ALA B 189 1.67 -20.09 -15.70
C ALA B 189 3.09 -19.97 -15.15
N ALA B 190 3.39 -18.82 -14.55
CA ALA B 190 4.72 -18.58 -14.00
C ALA B 190 4.97 -19.41 -12.73
N GLU B 191 3.98 -19.44 -11.85
CA GLU B 191 4.10 -20.18 -10.61
C GLU B 191 4.32 -21.67 -10.82
N PHE B 192 3.60 -22.25 -11.76
CA PHE B 192 3.70 -23.68 -12.03
C PHE B 192 4.47 -24.10 -13.27
N GLY B 193 5.23 -23.17 -13.85
CA GLY B 193 6.05 -23.47 -15.01
C GLY B 193 5.37 -23.96 -16.29
N ALA B 194 4.33 -23.27 -16.71
CA ALA B 194 3.62 -23.65 -17.93
C ALA B 194 3.62 -22.46 -18.89
N LYS B 195 2.93 -22.61 -20.02
CA LYS B 195 2.88 -21.52 -21.01
C LYS B 195 1.44 -21.10 -21.24
N ALA B 196 1.21 -19.79 -21.30
CA ALA B 196 -0.15 -19.29 -21.50
C ALA B 196 -0.23 -18.07 -22.41
N LEU B 197 -1.40 -17.90 -23.02
CA LEU B 197 -1.66 -16.77 -23.90
C LEU B 197 -3.13 -16.38 -23.84
N THR B 198 -3.39 -15.09 -23.96
CA THR B 198 -4.77 -14.60 -23.94
C THR B 198 -5.07 -13.87 -25.24
N ILE B 199 -6.13 -14.29 -25.91
CA ILE B 199 -6.57 -13.65 -27.14
C ILE B 199 -8.00 -13.22 -26.86
N CYS B 200 -8.37 -12.03 -27.35
CA CYS B 200 -9.71 -11.51 -27.13
C CYS B 200 -10.19 -10.70 -28.33
N THR B 201 -11.50 -10.56 -28.44
CA THR B 201 -12.11 -9.78 -29.51
C THR B 201 -12.88 -8.65 -28.83
N VAL B 202 -12.72 -7.43 -29.32
CA VAL B 202 -13.41 -6.29 -28.75
C VAL B 202 -14.92 -6.41 -28.93
N SER B 203 -15.63 -6.65 -27.82
CA SER B 203 -17.07 -6.81 -27.86
C SER B 203 -17.80 -5.51 -27.56
N ASP B 204 -17.10 -4.55 -26.97
CA ASP B 204 -17.69 -3.27 -26.64
C ASP B 204 -16.64 -2.19 -26.46
N HIS B 205 -17.00 -0.96 -26.79
CA HIS B 205 -16.07 0.17 -26.65
C HIS B 205 -16.56 1.06 -25.51
N ILE B 206 -15.86 0.98 -24.38
CA ILE B 206 -16.22 1.76 -23.20
C ILE B 206 -16.19 3.26 -23.48
N ARG B 207 -15.54 3.65 -24.57
CA ARG B 207 -15.45 5.05 -24.94
C ARG B 207 -16.77 5.56 -25.54
N THR B 208 -17.00 5.23 -26.80
CA THR B 208 -18.21 5.65 -27.49
C THR B 208 -19.43 4.86 -27.03
N HIS B 209 -19.20 3.88 -26.16
CA HIS B 209 -20.27 3.04 -25.63
C HIS B 209 -21.02 2.34 -26.78
N GLU B 210 -20.61 1.11 -27.07
CA GLU B 210 -21.25 0.35 -28.14
C GLU B 210 -20.85 -1.12 -28.11
N GLN B 211 -21.83 -2.00 -28.20
CA GLN B 211 -21.59 -3.44 -28.18
C GLN B 211 -21.61 -3.98 -29.61
N THR B 212 -21.32 -5.27 -29.77
CA THR B 212 -21.31 -5.89 -31.08
C THR B 212 -21.87 -7.31 -31.06
N THR B 213 -23.03 -7.49 -31.69
CA THR B 213 -23.68 -8.79 -31.74
C THR B 213 -24.41 -8.95 -33.08
N ALA B 214 -23.81 -9.71 -33.99
CA ALA B 214 -24.40 -9.95 -35.30
C ALA B 214 -23.57 -10.96 -36.07
N ALA B 215 -23.84 -11.09 -37.37
CA ALA B 215 -23.12 -12.02 -38.22
C ALA B 215 -21.65 -11.63 -38.29
N GLU B 216 -21.39 -10.34 -38.33
CA GLU B 216 -20.02 -9.82 -38.41
C GLU B 216 -19.26 -10.09 -37.13
N ARG B 217 -19.94 -9.89 -35.99
CA ARG B 217 -19.32 -10.13 -34.69
C ARG B 217 -19.04 -11.61 -34.48
N GLN B 218 -19.97 -12.45 -34.91
CA GLN B 218 -19.80 -13.89 -34.77
C GLN B 218 -18.73 -14.39 -35.74
N THR B 219 -18.57 -13.69 -36.85
CA THR B 219 -17.55 -14.08 -37.83
C THR B 219 -16.18 -13.82 -37.21
N THR B 220 -16.04 -12.68 -36.53
CA THR B 220 -14.78 -12.32 -35.89
C THR B 220 -14.45 -13.25 -34.73
N PHE B 221 -15.46 -13.73 -34.02
CA PHE B 221 -15.22 -14.63 -32.90
C PHE B 221 -14.60 -15.91 -33.45
N ASN B 222 -15.14 -16.40 -34.56
CA ASN B 222 -14.64 -17.62 -35.18
C ASN B 222 -13.21 -17.42 -35.67
N ASP B 223 -12.88 -16.20 -36.10
CA ASP B 223 -11.54 -15.91 -36.57
C ASP B 223 -10.56 -16.05 -35.41
N MET B 224 -10.96 -15.55 -34.24
CA MET B 224 -10.11 -15.63 -33.06
C MET B 224 -9.85 -17.10 -32.75
N ILE B 225 -10.89 -17.92 -32.83
CA ILE B 225 -10.75 -19.35 -32.56
C ILE B 225 -9.78 -19.95 -33.58
N LYS B 226 -9.99 -19.62 -34.85
CA LYS B 226 -9.13 -20.11 -35.92
C LYS B 226 -7.69 -19.70 -35.65
N ILE B 227 -7.50 -18.46 -35.22
CA ILE B 227 -6.16 -17.96 -34.89
C ILE B 227 -5.54 -18.86 -33.82
N ALA B 228 -6.28 -19.06 -32.73
CA ALA B 228 -5.80 -19.88 -31.61
C ALA B 228 -5.39 -21.27 -32.07
N LEU B 229 -6.32 -21.98 -32.70
CA LEU B 229 -6.08 -23.33 -33.18
C LEU B 229 -4.89 -23.41 -34.14
N GLU B 230 -4.83 -22.52 -35.12
CA GLU B 230 -3.74 -22.53 -36.08
C GLU B 230 -2.40 -22.14 -35.44
N SER B 231 -2.46 -21.38 -34.35
CA SER B 231 -1.22 -20.95 -33.68
C SER B 231 -0.53 -22.14 -33.03
N VAL B 232 -1.32 -23.11 -32.55
CA VAL B 232 -0.74 -24.29 -31.91
C VAL B 232 -0.09 -25.18 -32.95
N LEU B 233 -0.66 -25.22 -34.15
CA LEU B 233 -0.09 -26.04 -35.21
C LEU B 233 1.28 -25.49 -35.56
N LEU B 234 1.39 -24.17 -35.65
CA LEU B 234 2.66 -23.53 -35.96
C LEU B 234 3.67 -23.81 -34.85
N GLY B 235 3.17 -23.86 -33.62
CA GLY B 235 4.04 -24.13 -32.48
C GLY B 235 4.59 -25.53 -32.51
N ASP B 236 3.77 -26.48 -32.92
CA ASP B 236 4.20 -27.88 -33.01
C ASP B 236 5.37 -28.04 -33.97
N LYS B 237 5.43 -27.15 -34.96
CA LYS B 237 6.50 -27.19 -35.95
C LYS B 237 7.64 -26.26 -35.56
N ALA C 1 0.61 -7.35 39.27
CA ALA C 1 0.43 -6.07 38.59
C ALA C 1 1.02 -6.10 37.18
N THR C 2 0.56 -5.18 36.34
CA THR C 2 1.05 -5.07 34.96
C THR C 2 1.71 -3.71 34.76
N PRO C 3 2.34 -3.49 33.59
CA PRO C 3 3.00 -2.22 33.30
C PRO C 3 2.14 -0.97 33.48
N HIS C 4 0.86 -1.05 33.13
CA HIS C 4 -0.03 0.11 33.25
C HIS C 4 -1.18 -0.06 34.23
N ILE C 5 -1.17 -1.13 35.02
CA ILE C 5 -2.24 -1.38 35.98
C ILE C 5 -1.69 -1.92 37.29
N ASN C 6 -1.80 -1.11 38.36
CA ASN C 6 -1.31 -1.51 39.67
C ASN C 6 -2.42 -2.25 40.43
N ALA C 7 -2.57 -3.53 40.13
CA ALA C 7 -3.57 -4.36 40.79
C ALA C 7 -3.17 -5.82 40.68
N GLU C 8 -3.92 -6.70 41.35
CA GLU C 8 -3.64 -8.13 41.33
C GLU C 8 -4.85 -8.90 40.83
N MET C 9 -4.62 -10.11 40.35
CA MET C 9 -5.70 -10.97 39.86
C MET C 9 -6.80 -11.02 40.91
N GLY C 10 -8.04 -10.85 40.47
CA GLY C 10 -9.16 -10.88 41.38
C GLY C 10 -9.67 -9.47 41.67
N ASP C 11 -8.84 -8.48 41.42
CA ASP C 11 -9.22 -7.09 41.65
C ASP C 11 -10.28 -6.62 40.65
N PHE C 12 -10.33 -7.27 39.49
CA PHE C 12 -11.31 -6.93 38.46
C PHE C 12 -12.33 -8.04 38.26
N ALA C 13 -13.52 -7.67 37.80
CA ALA C 13 -14.57 -8.64 37.53
C ALA C 13 -14.18 -9.32 36.22
N ASP C 14 -14.92 -10.35 35.83
CA ASP C 14 -14.62 -11.05 34.58
C ASP C 14 -15.17 -10.27 33.40
N VAL C 15 -15.89 -9.19 33.68
CA VAL C 15 -16.46 -8.32 32.66
C VAL C 15 -16.14 -6.88 33.03
N VAL C 16 -15.60 -6.13 32.08
CA VAL C 16 -15.22 -4.75 32.33
C VAL C 16 -15.79 -3.76 31.32
N LEU C 17 -16.51 -2.76 31.83
CA LEU C 17 -17.05 -1.71 30.98
C LEU C 17 -15.92 -0.70 30.87
N MET C 18 -15.67 -0.20 29.66
CA MET C 18 -14.59 0.76 29.49
C MET C 18 -14.89 1.99 28.63
N PRO C 19 -14.95 3.17 29.28
CA PRO C 19 -15.21 4.41 28.56
C PRO C 19 -13.84 5.00 28.24
N GLY C 20 -13.76 5.88 27.26
CA GLY C 20 -12.48 6.47 26.93
C GLY C 20 -11.98 7.44 28.00
N ASP C 21 -12.94 8.11 28.66
CA ASP C 21 -12.63 9.10 29.69
C ASP C 21 -12.67 8.52 31.11
N PRO C 22 -11.53 8.57 31.83
CA PRO C 22 -11.38 8.07 33.20
C PRO C 22 -12.41 8.64 34.16
N LEU C 23 -12.77 9.91 33.96
CA LEU C 23 -13.75 10.56 34.81
C LEU C 23 -15.13 9.96 34.63
N ARG C 24 -15.41 9.46 33.43
CA ARG C 24 -16.71 8.84 33.17
C ARG C 24 -16.74 7.47 33.83
N ALA C 25 -15.57 6.85 33.94
CA ALA C 25 -15.46 5.56 34.60
C ALA C 25 -15.84 5.79 36.05
N LYS C 26 -15.30 6.86 36.63
CA LYS C 26 -15.58 7.20 38.01
C LYS C 26 -17.06 7.48 38.19
N TYR C 27 -17.66 8.19 37.23
CA TYR C 27 -19.08 8.51 37.28
C TYR C 27 -19.94 7.24 37.25
N ILE C 28 -19.58 6.32 36.38
CA ILE C 28 -20.32 5.06 36.25
C ILE C 28 -20.30 4.28 37.55
N ALA C 29 -19.11 4.17 38.15
CA ALA C 29 -18.95 3.43 39.39
C ALA C 29 -19.82 3.99 40.51
N GLU C 30 -19.71 5.31 40.74
CA GLU C 30 -20.47 5.97 41.79
C GLU C 30 -21.98 6.03 41.53
N THR C 31 -22.36 5.98 40.26
CA THR C 31 -23.77 6.06 39.90
C THR C 31 -24.51 4.73 39.71
N PHE C 32 -23.83 3.74 39.14
CA PHE C 32 -24.48 2.46 38.90
C PHE C 32 -24.04 1.26 39.73
N LEU C 33 -22.83 1.30 40.29
CA LEU C 33 -22.35 0.17 41.07
C LEU C 33 -22.38 0.37 42.58
N GLU C 34 -22.69 -0.70 43.30
CA GLU C 34 -22.72 -0.66 44.75
C GLU C 34 -21.38 -1.15 45.26
N ASP C 35 -21.00 -0.72 46.46
CA ASP C 35 -19.74 -1.13 47.06
C ASP C 35 -18.58 -0.86 46.10
N ALA C 36 -18.64 0.29 45.41
CA ALA C 36 -17.61 0.67 44.45
C ALA C 36 -16.26 0.83 45.14
N ARG C 37 -15.22 0.27 44.53
CA ARG C 37 -13.88 0.34 45.08
C ARG C 37 -12.85 0.61 43.99
N GLU C 38 -12.03 1.64 44.19
CA GLU C 38 -11.00 2.00 43.21
C GLU C 38 -9.90 0.94 43.20
N VAL C 39 -9.65 0.35 42.03
CA VAL C 39 -8.63 -0.69 41.92
C VAL C 39 -7.36 -0.24 41.19
N ASN C 40 -7.42 0.87 40.48
CA ASN C 40 -6.23 1.38 39.77
C ASN C 40 -6.25 2.89 39.62
N ASN C 41 -5.04 3.46 39.56
CA ASN C 41 -4.87 4.90 39.40
C ASN C 41 -3.63 5.24 38.59
N VAL C 42 -2.90 4.22 38.14
CA VAL C 42 -1.68 4.44 37.35
C VAL C 42 -2.01 5.34 36.16
N ARG C 43 -1.21 6.38 35.98
CA ARG C 43 -1.41 7.34 34.90
C ARG C 43 -2.78 8.00 34.94
N GLY C 44 -3.44 7.89 36.10
CA GLY C 44 -4.75 8.48 36.26
C GLY C 44 -5.88 7.75 35.54
N MET C 45 -5.58 6.57 35.02
CA MET C 45 -6.59 5.79 34.31
C MET C 45 -7.39 5.02 35.36
N LEU C 46 -8.31 5.74 35.99
CA LEU C 46 -9.17 5.19 37.04
C LEU C 46 -9.93 3.92 36.67
N GLY C 47 -9.88 2.95 37.58
CA GLY C 47 -10.57 1.69 37.40
C GLY C 47 -11.29 1.37 38.70
N PHE C 48 -12.50 0.83 38.62
CA PHE C 48 -13.29 0.51 39.79
C PHE C 48 -13.94 -0.87 39.68
N THR C 49 -14.25 -1.46 40.82
CA THR C 49 -14.89 -2.76 40.86
C THR C 49 -16.00 -2.74 41.91
N GLY C 50 -17.19 -3.19 41.52
CA GLY C 50 -18.32 -3.20 42.44
C GLY C 50 -19.36 -4.20 41.97
N THR C 51 -20.60 -4.01 42.42
CA THR C 51 -21.67 -4.91 42.05
C THR C 51 -22.90 -4.18 41.49
N TYR C 52 -23.58 -4.84 40.56
CA TYR C 52 -24.78 -4.32 39.94
C TYR C 52 -25.82 -5.43 39.98
N LYS C 53 -26.82 -5.25 40.83
CA LYS C 53 -27.88 -6.24 41.00
C LYS C 53 -27.26 -7.59 41.39
N GLY C 54 -26.27 -7.53 42.28
CA GLY C 54 -25.61 -8.73 42.75
C GLY C 54 -24.45 -9.22 41.91
N ARG C 55 -24.34 -8.74 40.67
CA ARG C 55 -23.26 -9.14 39.79
C ARG C 55 -22.03 -8.25 39.87
N LYS C 56 -20.89 -8.86 40.19
CA LYS C 56 -19.64 -8.13 40.29
C LYS C 56 -19.30 -7.54 38.91
N ILE C 57 -18.93 -6.27 38.90
CA ILE C 57 -18.60 -5.57 37.65
C ILE C 57 -17.47 -4.57 37.83
N SER C 58 -16.65 -4.41 36.80
CA SER C 58 -15.56 -3.44 36.83
C SER C 58 -15.76 -2.42 35.72
N VAL C 59 -15.22 -1.22 35.93
CA VAL C 59 -15.30 -0.16 34.93
C VAL C 59 -13.99 0.62 35.03
N MET C 60 -13.37 0.86 33.88
CA MET C 60 -12.08 1.54 33.85
C MET C 60 -11.88 2.22 32.50
N GLY C 61 -11.31 3.42 32.52
CA GLY C 61 -11.07 4.13 31.26
C GLY C 61 -10.00 3.46 30.44
N HIS C 62 -9.98 3.73 29.13
CA HIS C 62 -8.97 3.14 28.25
C HIS C 62 -8.19 4.17 27.45
N GLY C 63 -8.45 5.45 27.74
CA GLY C 63 -7.75 6.51 27.03
C GLY C 63 -8.24 6.67 25.60
N VAL C 64 -7.79 7.74 24.95
CA VAL C 64 -8.21 8.00 23.57
C VAL C 64 -7.29 7.31 22.58
N GLY C 65 -7.88 6.63 21.59
CA GLY C 65 -7.08 5.97 20.57
C GLY C 65 -6.86 4.48 20.67
N ILE C 66 -6.62 3.86 19.52
CA ILE C 66 -6.37 2.41 19.45
C ILE C 66 -5.13 2.01 20.25
N PRO C 67 -4.01 2.76 20.09
CA PRO C 67 -2.79 2.41 20.84
C PRO C 67 -3.02 2.39 22.35
N SER C 68 -3.81 3.34 22.83
CA SER C 68 -4.09 3.43 24.26
C SER C 68 -4.98 2.27 24.73
N CYS C 69 -6.16 2.14 24.13
CA CYS C 69 -7.07 1.08 24.53
C CYS C 69 -6.51 -0.33 24.36
N SER C 70 -5.58 -0.51 23.42
CA SER C 70 -4.98 -1.82 23.18
C SER C 70 -4.18 -2.29 24.39
N ILE C 71 -3.51 -1.35 25.05
CA ILE C 71 -2.70 -1.63 26.23
C ILE C 71 -3.54 -2.18 27.36
N TYR C 72 -4.50 -1.39 27.80
CA TYR C 72 -5.36 -1.75 28.91
C TYR C 72 -6.18 -3.02 28.66
N THR C 73 -6.77 -3.15 27.48
CA THR C 73 -7.56 -4.33 27.16
C THR C 73 -6.67 -5.58 27.19
N LYS C 74 -5.46 -5.46 26.64
CA LYS C 74 -4.53 -6.59 26.62
C LYS C 74 -4.18 -7.02 28.04
N GLU C 75 -3.67 -6.10 28.85
CA GLU C 75 -3.29 -6.42 30.21
C GLU C 75 -4.42 -7.03 31.04
N LEU C 76 -5.64 -6.50 30.87
CA LEU C 76 -6.79 -7.01 31.60
C LEU C 76 -7.08 -8.46 31.21
N ILE C 77 -6.94 -8.76 29.93
CA ILE C 77 -7.21 -10.10 29.41
C ILE C 77 -6.15 -11.13 29.80
N THR C 78 -4.87 -10.76 29.78
CA THR C 78 -3.80 -11.71 30.09
C THR C 78 -3.33 -11.79 31.55
N ASP C 79 -3.63 -10.77 32.35
CA ASP C 79 -3.18 -10.78 33.73
C ASP C 79 -4.27 -10.63 34.80
N PHE C 80 -5.50 -10.34 34.39
CA PHE C 80 -6.57 -10.17 35.37
C PHE C 80 -7.83 -11.01 35.13
N GLY C 81 -7.71 -11.99 34.25
CA GLY C 81 -8.82 -12.87 33.96
C GLY C 81 -10.08 -12.24 33.38
N VAL C 82 -9.96 -11.13 32.67
CA VAL C 82 -11.13 -10.49 32.07
C VAL C 82 -11.57 -11.30 30.85
N LYS C 83 -12.87 -11.61 30.78
CA LYS C 83 -13.42 -12.39 29.67
C LYS C 83 -14.19 -11.55 28.66
N LYS C 84 -14.85 -10.50 29.15
CA LYS C 84 -15.64 -9.63 28.28
C LYS C 84 -15.33 -8.15 28.46
N ILE C 85 -15.11 -7.46 27.34
CA ILE C 85 -14.84 -6.03 27.38
C ILE C 85 -15.95 -5.32 26.63
N ILE C 86 -16.62 -4.40 27.31
CA ILE C 86 -17.71 -3.65 26.70
C ILE C 86 -17.35 -2.16 26.71
N ARG C 87 -16.87 -1.66 25.58
CA ARG C 87 -16.52 -0.25 25.50
C ARG C 87 -17.81 0.56 25.45
N VAL C 88 -17.84 1.63 26.25
CA VAL C 88 -18.99 2.51 26.30
C VAL C 88 -18.46 3.92 26.11
N GLY C 89 -18.35 4.33 24.85
CA GLY C 89 -17.83 5.64 24.56
C GLY C 89 -18.80 6.51 23.79
N SER C 90 -18.24 7.45 23.04
CA SER C 90 -19.01 8.36 22.23
C SER C 90 -18.62 8.16 20.77
N CYS C 91 -19.26 8.90 19.87
CA CYS C 91 -18.94 8.78 18.45
C CYS C 91 -19.52 9.95 17.66
N GLY C 92 -18.96 10.18 16.48
CA GLY C 92 -19.43 11.25 15.62
C GLY C 92 -20.24 10.64 14.49
N ALA C 93 -21.40 11.22 14.21
CA ALA C 93 -22.28 10.69 13.15
C ALA C 93 -22.02 11.29 11.78
N VAL C 94 -22.13 10.45 10.76
CA VAL C 94 -21.92 10.87 9.39
C VAL C 94 -23.22 10.79 8.59
N LEU C 95 -24.12 9.89 9.00
CA LEU C 95 -25.39 9.72 8.31
C LEU C 95 -26.42 10.78 8.68
N PRO C 96 -27.18 11.29 7.69
CA PRO C 96 -28.20 12.31 7.88
C PRO C 96 -29.25 11.96 8.93
N HIS C 97 -29.70 10.72 8.91
CA HIS C 97 -30.74 10.27 9.84
C HIS C 97 -30.26 9.93 11.24
N VAL C 98 -28.95 9.94 11.47
CA VAL C 98 -28.41 9.66 12.80
C VAL C 98 -28.28 10.97 13.56
N LYS C 99 -28.92 11.05 14.72
CA LYS C 99 -28.88 12.27 15.51
C LYS C 99 -28.19 12.07 16.86
N LEU C 100 -27.81 13.19 17.49
CA LEU C 100 -27.13 13.14 18.78
C LEU C 100 -27.95 12.37 19.80
N ARG C 101 -27.27 11.72 20.73
CA ARG C 101 -27.90 10.93 21.79
C ARG C 101 -28.30 9.54 21.30
N ASP C 102 -28.18 9.29 20.00
CA ASP C 102 -28.52 7.99 19.46
C ASP C 102 -27.55 6.93 19.94
N VAL C 103 -28.05 5.73 20.19
CA VAL C 103 -27.22 4.62 20.65
C VAL C 103 -26.87 3.74 19.46
N VAL C 104 -25.61 3.31 19.39
CA VAL C 104 -25.17 2.47 18.30
C VAL C 104 -24.37 1.26 18.77
N ILE C 105 -24.69 0.10 18.22
CA ILE C 105 -24.00 -1.14 18.57
C ILE C 105 -23.12 -1.51 17.38
N GLY C 106 -21.81 -1.54 17.60
CA GLY C 106 -20.88 -1.87 16.53
C GLY C 106 -20.57 -3.33 16.35
N MET C 107 -21.37 -4.03 15.56
CA MET C 107 -21.13 -5.45 15.32
C MET C 107 -19.82 -5.56 14.56
N GLY C 108 -19.49 -4.51 13.81
CA GLY C 108 -18.26 -4.47 13.05
C GLY C 108 -17.59 -3.12 13.22
N ALA C 109 -16.30 -3.03 12.89
CA ALA C 109 -15.57 -1.78 13.01
C ALA C 109 -14.53 -1.57 11.92
N CYS C 110 -14.75 -0.57 11.07
CA CYS C 110 -13.82 -0.24 9.99
C CYS C 110 -12.72 0.60 10.61
N THR C 111 -11.65 0.88 9.87
CA THR C 111 -10.57 1.68 10.44
C THR C 111 -9.47 2.05 9.45
N ASP C 112 -8.76 3.14 9.74
CA ASP C 112 -7.67 3.56 8.88
C ASP C 112 -6.34 3.36 9.61
N SER C 113 -6.40 2.55 10.67
CA SER C 113 -5.23 2.20 11.47
C SER C 113 -4.55 1.01 10.81
N LYS C 114 -3.28 0.80 11.11
CA LYS C 114 -2.54 -0.32 10.54
C LYS C 114 -2.35 -1.50 11.49
N VAL C 115 -2.92 -1.40 12.70
CA VAL C 115 -2.75 -2.47 13.67
C VAL C 115 -3.23 -3.84 13.20
N ASN C 116 -4.42 -3.91 12.62
CA ASN C 116 -4.94 -5.20 12.18
C ASN C 116 -4.18 -5.72 10.94
N ARG C 117 -3.63 -4.81 10.16
CA ARG C 117 -2.86 -5.23 8.98
C ARG C 117 -1.53 -5.80 9.45
N ILE C 118 -1.05 -5.30 10.58
CA ILE C 118 0.21 -5.79 11.14
C ILE C 118 -0.02 -7.19 11.67
N ARG C 119 -1.19 -7.42 12.24
CA ARG C 119 -1.55 -8.73 12.80
C ARG C 119 -1.98 -9.73 11.74
N PHE C 120 -2.51 -9.24 10.63
CA PHE C 120 -3.06 -10.09 9.57
C PHE C 120 -2.30 -10.16 8.25
N LYS C 121 -0.98 -10.06 8.30
CA LYS C 121 -0.13 -10.11 7.11
C LYS C 121 -0.58 -9.17 5.99
N ASP C 122 -0.95 -7.95 6.37
CA ASP C 122 -1.38 -6.91 5.43
C ASP C 122 -2.65 -7.21 4.65
N HIS C 123 -3.46 -8.14 5.15
CA HIS C 123 -4.72 -8.45 4.48
C HIS C 123 -5.84 -7.76 5.24
N ASP C 124 -7.08 -7.99 4.82
CA ASP C 124 -8.23 -7.37 5.47
C ASP C 124 -8.83 -8.22 6.57
N PHE C 125 -8.62 -7.80 7.82
CA PHE C 125 -9.20 -8.51 8.95
C PHE C 125 -10.51 -7.82 9.30
N ALA C 126 -11.61 -8.55 9.23
CA ALA C 126 -12.90 -7.98 9.58
C ALA C 126 -13.03 -7.89 11.09
N ALA C 127 -12.71 -6.74 11.65
CA ALA C 127 -12.79 -6.54 13.10
C ALA C 127 -14.26 -6.57 13.51
N ILE C 128 -14.69 -7.69 14.08
CA ILE C 128 -16.08 -7.84 14.51
C ILE C 128 -16.19 -8.13 16.00
N ALA C 129 -17.35 -7.83 16.58
CA ALA C 129 -17.60 -8.06 18.00
C ALA C 129 -18.14 -9.47 18.22
N ASP C 130 -18.32 -9.85 19.48
CA ASP C 130 -18.86 -11.17 19.79
C ASP C 130 -20.36 -11.14 19.52
N PHE C 131 -20.83 -12.07 18.69
CA PHE C 131 -22.24 -12.11 18.33
C PHE C 131 -23.17 -12.16 19.54
N ASP C 132 -22.94 -13.11 20.45
CA ASP C 132 -23.78 -13.24 21.62
C ASP C 132 -23.85 -11.93 22.40
N MET C 133 -22.72 -11.25 22.53
CA MET C 133 -22.69 -9.98 23.24
C MET C 133 -23.52 -8.93 22.50
N VAL C 134 -23.47 -8.98 21.17
CA VAL C 134 -24.24 -8.04 20.36
C VAL C 134 -25.73 -8.25 20.59
N ARG C 135 -26.17 -9.50 20.50
CA ARG C 135 -27.57 -9.83 20.68
C ARG C 135 -28.03 -9.45 22.09
N ASN C 136 -27.18 -9.68 23.08
CA ASN C 136 -27.52 -9.33 24.46
C ASN C 136 -27.81 -7.84 24.57
N ALA C 137 -27.01 -7.01 23.89
CA ALA C 137 -27.19 -5.57 23.92
C ALA C 137 -28.50 -5.16 23.23
N VAL C 138 -28.80 -5.78 22.09
CA VAL C 138 -30.02 -5.49 21.35
C VAL C 138 -31.22 -5.80 22.26
N ASP C 139 -31.27 -7.03 22.76
CA ASP C 139 -32.35 -7.44 23.64
C ASP C 139 -32.45 -6.52 24.85
N ALA C 140 -31.30 -6.20 25.45
CA ALA C 140 -31.28 -5.32 26.60
C ALA C 140 -31.94 -3.98 26.28
N ALA C 141 -31.58 -3.42 25.13
CA ALA C 141 -32.13 -2.14 24.69
C ALA C 141 -33.64 -2.25 24.52
N LYS C 142 -34.08 -3.35 23.91
CA LYS C 142 -35.50 -3.59 23.67
C LYS C 142 -36.27 -3.53 24.99
N ALA C 143 -35.80 -4.30 25.96
CA ALA C 143 -36.44 -4.36 27.28
C ALA C 143 -36.48 -3.00 27.96
N LEU C 144 -35.45 -2.18 27.74
CA LEU C 144 -35.38 -0.85 28.36
C LEU C 144 -36.12 0.20 27.54
N GLY C 145 -36.59 -0.19 26.35
CA GLY C 145 -37.30 0.74 25.51
C GLY C 145 -36.37 1.80 24.93
N ILE C 146 -35.12 1.43 24.71
CA ILE C 146 -34.13 2.35 24.15
C ILE C 146 -33.77 1.90 22.74
N ASP C 147 -33.87 2.81 21.77
CA ASP C 147 -33.53 2.49 20.39
C ASP C 147 -32.04 2.31 20.21
N ALA C 148 -31.65 1.43 19.30
CA ALA C 148 -30.23 1.18 19.06
C ALA C 148 -29.98 0.61 17.67
N ARG C 149 -29.06 1.25 16.94
CA ARG C 149 -28.71 0.80 15.60
C ARG C 149 -27.52 -0.14 15.68
N VAL C 150 -27.62 -1.29 15.02
CA VAL C 150 -26.55 -2.27 14.99
C VAL C 150 -25.88 -2.21 13.63
N GLY C 151 -24.58 -1.91 13.61
CA GLY C 151 -23.87 -1.84 12.34
C GLY C 151 -22.39 -1.61 12.45
N ASN C 152 -21.82 -1.02 11.40
CA ASN C 152 -20.39 -0.73 11.34
C ASN C 152 -20.00 0.61 11.94
N LEU C 153 -18.88 0.63 12.66
CA LEU C 153 -18.36 1.86 13.23
C LEU C 153 -17.03 2.08 12.50
N PHE C 154 -16.49 3.28 12.59
CA PHE C 154 -15.21 3.57 11.95
C PHE C 154 -14.24 4.02 13.04
N SER C 155 -13.15 3.29 13.21
CA SER C 155 -12.15 3.63 14.20
C SER C 155 -11.05 4.45 13.53
N ALA C 156 -11.13 5.76 13.70
CA ALA C 156 -10.17 6.69 13.11
C ALA C 156 -8.99 6.95 14.03
N ASP C 157 -7.82 7.15 13.43
CA ASP C 157 -6.60 7.42 14.19
C ASP C 157 -6.47 8.93 14.40
N LEU C 158 -7.03 9.70 13.48
CA LEU C 158 -6.97 11.16 13.57
C LEU C 158 -8.34 11.81 13.73
N PHE C 159 -8.59 12.35 14.92
CA PHE C 159 -9.85 13.03 15.23
C PHE C 159 -9.96 14.20 14.25
N TYR C 160 -8.83 14.81 13.97
CA TYR C 160 -8.76 15.93 13.03
C TYR C 160 -8.17 15.42 11.73
N SER C 161 -8.96 14.63 11.01
CA SER C 161 -8.55 14.05 9.74
C SER C 161 -8.32 15.10 8.66
N PRO C 162 -7.23 14.96 7.89
CA PRO C 162 -6.90 15.90 6.81
C PRO C 162 -7.69 15.52 5.56
N ASP C 163 -8.24 14.31 5.57
CA ASP C 163 -9.02 13.82 4.43
C ASP C 163 -10.52 13.93 4.73
N GLY C 164 -11.10 15.07 4.39
CA GLY C 164 -12.51 15.29 4.64
C GLY C 164 -13.41 14.41 3.80
N GLU C 165 -13.00 14.16 2.56
CA GLU C 165 -13.78 13.33 1.64
C GLU C 165 -14.04 11.93 2.15
N MET C 166 -13.14 11.41 2.99
CA MET C 166 -13.31 10.05 3.52
C MET C 166 -14.64 9.92 4.27
N PHE C 167 -15.13 11.02 4.81
CA PHE C 167 -16.40 10.98 5.53
C PHE C 167 -17.52 10.62 4.56
N ASP C 168 -17.43 11.09 3.31
CA ASP C 168 -18.43 10.78 2.29
C ASP C 168 -18.41 9.29 1.99
N VAL C 169 -17.22 8.69 2.05
CA VAL C 169 -17.07 7.26 1.78
C VAL C 169 -17.69 6.48 2.94
N MET C 170 -17.48 6.98 4.15
CA MET C 170 -18.05 6.34 5.33
C MET C 170 -19.57 6.34 5.18
N GLU C 171 -20.13 7.50 4.90
CA GLU C 171 -21.57 7.67 4.74
C GLU C 171 -22.13 6.73 3.66
N LYS C 172 -21.49 6.72 2.50
CA LYS C 172 -21.92 5.87 1.40
C LYS C 172 -22.02 4.41 1.83
N TYR C 173 -21.08 3.98 2.65
CA TYR C 173 -21.05 2.61 3.13
C TYR C 173 -21.78 2.37 4.46
N GLY C 174 -22.55 3.37 4.87
CA GLY C 174 -23.34 3.25 6.08
C GLY C 174 -22.70 3.25 7.46
N ILE C 175 -21.52 3.85 7.62
CA ILE C 175 -20.89 3.87 8.93
C ILE C 175 -21.81 4.61 9.90
N LEU C 176 -22.18 3.93 10.98
CA LEU C 176 -23.07 4.51 11.97
C LEU C 176 -22.41 5.58 12.84
N GLY C 177 -21.17 5.33 13.24
CA GLY C 177 -20.48 6.29 14.07
C GLY C 177 -18.98 6.26 13.88
N VAL C 178 -18.33 7.38 14.13
CA VAL C 178 -16.89 7.49 14.01
C VAL C 178 -16.29 7.66 15.39
N GLU C 179 -15.43 6.73 15.78
CA GLU C 179 -14.77 6.82 17.08
C GLU C 179 -13.30 6.47 16.93
N MET C 180 -12.63 6.04 18.00
CA MET C 180 -11.20 5.78 17.89
C MET C 180 -10.70 4.55 18.62
N GLU C 181 -11.53 3.53 18.78
CA GLU C 181 -11.09 2.35 19.52
C GLU C 181 -11.60 1.00 19.03
N ALA C 182 -12.87 0.93 18.66
CA ALA C 182 -13.51 -0.31 18.23
C ALA C 182 -12.64 -1.33 17.49
N ALA C 183 -12.18 -1.00 16.28
CA ALA C 183 -11.37 -1.92 15.50
C ALA C 183 -10.16 -2.45 16.28
N GLY C 184 -9.59 -1.61 17.14
CA GLY C 184 -8.44 -2.02 17.93
C GLY C 184 -8.81 -3.01 19.02
N ILE C 185 -9.87 -2.71 19.76
CA ILE C 185 -10.35 -3.58 20.83
C ILE C 185 -10.67 -4.96 20.27
N TYR C 186 -11.34 -4.98 19.13
CA TYR C 186 -11.71 -6.23 18.48
C TYR C 186 -10.45 -6.98 18.05
N GLY C 187 -9.44 -6.24 17.60
CA GLY C 187 -8.20 -6.88 17.20
C GLY C 187 -7.54 -7.59 18.38
N VAL C 188 -7.58 -6.95 19.54
CA VAL C 188 -6.99 -7.51 20.75
C VAL C 188 -7.77 -8.73 21.26
N ALA C 189 -9.09 -8.62 21.25
CA ALA C 189 -9.94 -9.72 21.70
C ALA C 189 -9.63 -10.99 20.91
N ALA C 190 -9.47 -10.84 19.60
CA ALA C 190 -9.16 -11.98 18.74
C ALA C 190 -7.74 -12.48 18.98
N GLU C 191 -6.80 -11.55 19.13
CA GLU C 191 -5.40 -11.93 19.33
C GLU C 191 -5.16 -12.61 20.67
N PHE C 192 -5.78 -12.09 21.74
CA PHE C 192 -5.57 -12.65 23.06
C PHE C 192 -6.67 -13.55 23.60
N GLY C 193 -7.60 -13.95 22.74
CA GLY C 193 -8.68 -14.84 23.15
C GLY C 193 -9.64 -14.34 24.21
N ALA C 194 -10.43 -13.35 23.86
CA ALA C 194 -11.42 -12.78 24.77
C ALA C 194 -12.57 -12.28 23.90
N LYS C 195 -13.63 -11.77 24.53
CA LYS C 195 -14.77 -11.25 23.79
C LYS C 195 -14.97 -9.77 24.08
N ALA C 196 -15.34 -9.00 23.05
CA ALA C 196 -15.56 -7.58 23.24
C ALA C 196 -16.71 -7.04 22.39
N LEU C 197 -17.25 -5.92 22.83
CA LEU C 197 -18.35 -5.26 22.15
C LEU C 197 -18.24 -3.76 22.42
N THR C 198 -18.46 -2.96 21.38
CA THR C 198 -18.39 -1.52 21.52
C THR C 198 -19.77 -0.90 21.33
N ILE C 199 -20.18 -0.12 22.32
CA ILE C 199 -21.46 0.58 22.29
C ILE C 199 -21.10 2.05 22.42
N CYS C 200 -21.70 2.89 21.59
CA CYS C 200 -21.40 4.32 21.62
C CYS C 200 -22.64 5.20 21.60
N THR C 201 -22.47 6.42 22.12
CA THR C 201 -23.54 7.40 22.16
C THR C 201 -23.11 8.53 21.22
N VAL C 202 -23.91 8.79 20.19
CA VAL C 202 -23.59 9.84 19.25
C VAL C 202 -23.31 11.14 20.01
N SER C 203 -22.04 11.50 20.10
CA SER C 203 -21.60 12.70 20.81
C SER C 203 -21.80 13.96 19.98
N ASP C 204 -21.61 13.84 18.67
CA ASP C 204 -21.79 14.96 17.77
C ASP C 204 -21.97 14.50 16.33
N HIS C 205 -22.43 15.41 15.49
CA HIS C 205 -22.63 15.10 14.08
C HIS C 205 -21.52 15.78 13.29
N ILE C 206 -20.80 14.99 12.51
CA ILE C 206 -19.70 15.49 11.72
C ILE C 206 -20.14 16.48 10.64
N ARG C 207 -21.38 16.36 10.18
CA ARG C 207 -21.90 17.25 9.15
C ARG C 207 -22.41 18.57 9.73
N THR C 208 -23.41 18.49 10.60
CA THR C 208 -24.00 19.66 11.22
C THR C 208 -23.08 20.40 12.19
N HIS C 209 -22.08 19.69 12.69
CA HIS C 209 -21.13 20.26 13.64
C HIS C 209 -21.75 20.52 15.01
N GLU C 210 -22.81 19.78 15.32
CA GLU C 210 -23.48 19.94 16.60
C GLU C 210 -22.84 19.01 17.64
N GLN C 211 -22.30 19.60 18.70
CA GLN C 211 -21.66 18.83 19.76
C GLN C 211 -22.66 18.44 20.84
N THR C 212 -22.17 17.74 21.86
CA THR C 212 -23.02 17.29 22.96
C THR C 212 -23.52 18.49 23.77
N THR C 213 -24.72 18.95 23.43
CA THR C 213 -25.32 20.10 24.10
C THR C 213 -26.47 19.70 25.02
N ALA C 214 -26.97 20.66 25.78
CA ALA C 214 -28.08 20.44 26.70
C ALA C 214 -27.72 19.43 27.78
N ALA C 215 -28.61 19.27 28.76
CA ALA C 215 -28.40 18.34 29.86
C ALA C 215 -28.59 16.90 29.39
N GLU C 216 -28.63 16.71 28.07
CA GLU C 216 -28.79 15.39 27.50
C GLU C 216 -27.48 14.62 27.46
N ARG C 217 -26.49 15.11 28.21
CA ARG C 217 -25.19 14.45 28.28
C ARG C 217 -25.19 13.42 29.40
N GLN C 218 -26.31 13.33 30.12
CA GLN C 218 -26.42 12.40 31.23
C GLN C 218 -27.36 11.23 30.91
N THR C 219 -28.66 11.47 30.99
CA THR C 219 -29.66 10.43 30.73
C THR C 219 -29.29 9.54 29.54
N THR C 220 -28.88 10.15 28.43
CA THR C 220 -28.50 9.40 27.25
C THR C 220 -27.25 8.57 27.52
N PHE C 221 -26.24 9.21 28.09
CA PHE C 221 -25.00 8.53 28.43
C PHE C 221 -25.32 7.41 29.40
N ASN C 222 -26.43 7.57 30.12
CA ASN C 222 -26.88 6.58 31.08
C ASN C 222 -27.55 5.41 30.38
N ASP C 223 -28.31 5.70 29.33
CA ASP C 223 -29.00 4.66 28.57
C ASP C 223 -27.97 3.62 28.12
N MET C 224 -26.88 4.13 27.56
CA MET C 224 -25.77 3.30 27.10
C MET C 224 -25.27 2.41 28.22
N ILE C 225 -25.07 3.00 29.39
CA ILE C 225 -24.59 2.27 30.56
C ILE C 225 -25.60 1.22 31.01
N LYS C 226 -26.87 1.60 31.01
CA LYS C 226 -27.93 0.69 31.42
C LYS C 226 -27.94 -0.53 30.50
N ILE C 227 -27.91 -0.29 29.20
CA ILE C 227 -27.89 -1.36 28.21
C ILE C 227 -26.69 -2.28 28.41
N ALA C 228 -25.51 -1.69 28.53
CA ALA C 228 -24.29 -2.48 28.72
C ALA C 228 -24.40 -3.35 29.97
N LEU C 229 -24.84 -2.77 31.08
CA LEU C 229 -24.97 -3.54 32.32
C LEU C 229 -26.02 -4.64 32.19
N GLU C 230 -27.20 -4.29 31.67
CA GLU C 230 -28.25 -5.30 31.51
C GLU C 230 -27.87 -6.37 30.50
N SER C 231 -27.08 -6.02 29.49
CA SER C 231 -26.68 -7.00 28.48
C SER C 231 -25.84 -8.09 29.14
N VAL C 232 -25.07 -7.70 30.14
CA VAL C 232 -24.21 -8.64 30.85
C VAL C 232 -25.07 -9.66 31.60
N LEU C 233 -26.09 -9.19 32.30
CA LEU C 233 -26.98 -10.06 33.04
C LEU C 233 -27.60 -11.10 32.11
N LEU C 234 -28.06 -10.66 30.94
CA LEU C 234 -28.66 -11.57 29.98
C LEU C 234 -27.65 -12.65 29.59
N GLY C 235 -26.41 -12.23 29.36
CA GLY C 235 -25.36 -13.16 28.98
C GLY C 235 -25.10 -14.20 30.05
N ASP C 236 -25.17 -13.79 31.32
CA ASP C 236 -24.94 -14.71 32.42
C ASP C 236 -26.04 -15.77 32.45
N LYS C 237 -27.25 -15.36 32.05
CA LYS C 237 -28.40 -16.26 32.03
C LYS C 237 -28.31 -17.20 30.84
#